data_1K5E
# 
_entry.id   1K5E 
# 
_audit_conform.dict_name       mmcif_pdbx.dic 
_audit_conform.dict_version    5.392 
_audit_conform.dict_location   http://mmcif.pdb.org/dictionaries/ascii/mmcif_pdbx.dic 
# 
loop_
_database_2.database_id 
_database_2.database_code 
_database_2.pdbx_database_accession 
_database_2.pdbx_DOI 
PDB   1K5E         pdb_00001k5e 10.2210/pdb1k5e/pdb 
RCSB  RCSB014581   ?            ?                   
WWPDB D_1000014581 ?            ?                   
# 
loop_
_pdbx_audit_revision_history.ordinal 
_pdbx_audit_revision_history.data_content_type 
_pdbx_audit_revision_history.major_revision 
_pdbx_audit_revision_history.minor_revision 
_pdbx_audit_revision_history.revision_date 
1 'Structure model' 1 0 2002-01-23 
2 'Structure model' 1 1 2008-04-27 
3 'Structure model' 1 2 2011-07-13 
4 'Structure model' 1 3 2022-02-23 
5 'Structure model' 1 4 2024-05-22 
# 
_pdbx_audit_revision_details.ordinal             1 
_pdbx_audit_revision_details.revision_ordinal    1 
_pdbx_audit_revision_details.data_content_type   'Structure model' 
_pdbx_audit_revision_details.provider            repository 
_pdbx_audit_revision_details.type                'Initial release' 
_pdbx_audit_revision_details.description         ? 
_pdbx_audit_revision_details.details             ? 
# 
loop_
_pdbx_audit_revision_group.ordinal 
_pdbx_audit_revision_group.revision_ordinal 
_pdbx_audit_revision_group.data_content_type 
_pdbx_audit_revision_group.group 
1 2 'Structure model' 'Version format compliance' 
2 3 'Structure model' 'Version format compliance' 
3 4 'Structure model' 'Data collection'           
4 4 'Structure model' 'Database references'       
5 4 'Structure model' 'Derived calculations'      
6 5 'Structure model' 'Data collection'           
# 
loop_
_pdbx_audit_revision_category.ordinal 
_pdbx_audit_revision_category.revision_ordinal 
_pdbx_audit_revision_category.data_content_type 
_pdbx_audit_revision_category.category 
1 4 'Structure model' database_2            
2 4 'Structure model' pdbx_nmr_software     
3 4 'Structure model' pdbx_struct_assembly  
4 4 'Structure model' pdbx_struct_oper_list 
5 4 'Structure model' struct_conn           
6 5 'Structure model' chem_comp_atom        
7 5 'Structure model' chem_comp_bond        
# 
loop_
_pdbx_audit_revision_item.ordinal 
_pdbx_audit_revision_item.revision_ordinal 
_pdbx_audit_revision_item.data_content_type 
_pdbx_audit_revision_item.item 
1 4 'Structure model' '_database_2.pdbx_DOI'                
2 4 'Structure model' '_database_2.pdbx_database_accession' 
3 4 'Structure model' '_pdbx_nmr_software.name'             
4 4 'Structure model' '_struct_conn.pdbx_leaving_atom_flag' 
# 
_pdbx_database_status.status_code                     REL 
_pdbx_database_status.entry_id                        1K5E 
_pdbx_database_status.recvd_initial_deposition_date   2001-10-10 
_pdbx_database_status.deposit_site                    RCSB 
_pdbx_database_status.process_site                    RCSB 
_pdbx_database_status.SG_entry                        . 
_pdbx_database_status.pdb_format_compatible           Y 
_pdbx_database_status.status_code_mr                  ? 
_pdbx_database_status.status_code_sf                  ? 
_pdbx_database_status.status_code_cs                  ? 
_pdbx_database_status.status_code_nmr_data            ? 
_pdbx_database_status.methods_development_category    ? 
# 
_pdbx_database_related.db_name        PDB 
_pdbx_database_related.db_id          1K5F 
_pdbx_database_related.details        
;1K5F is the SAME STRUCTURE WITH (S)-(N-PHENYL-2-HYDROXY-ETHYL)-2'-DEOXY-ADENOSINE-5'-MONOPHOSPHATE.
;
_pdbx_database_related.content_type   unspecified 
# 
loop_
_audit_author.name 
_audit_author.pdbx_ordinal 
'Hennard, C.'  1 
'Finneman, J.' 2 
'Harris, C.M.' 3 
'Harris, T.M.' 4 
'Stone, M.P.'  5 
# 
_citation.id                        primary 
_citation.title                     
;The nonmutagenic (R)- and (S)-beta-(N(6)-adenyl)styrene oxide adducts are oriented in the major groove and show little perturbation to DNA 
                    structure.
;
_citation.journal_abbrev            Biochemistry 
_citation.journal_volume            40 
_citation.page_first                9780 
_citation.page_last                 9791 
_citation.year                      2001 
_citation.journal_id_ASTM           BICHAW 
_citation.country                   US 
_citation.journal_id_ISSN           0006-2960 
_citation.journal_id_CSD            0033 
_citation.book_publisher            ? 
_citation.pdbx_database_id_PubMed   11502171 
_citation.pdbx_database_id_DOI      10.1021/bi010564v 
# 
loop_
_citation_author.citation_id 
_citation_author.name 
_citation_author.ordinal 
_citation_author.identifier_ORCID 
primary 'Hennard, C.'  1 ? 
primary 'Finneman, J.' 2 ? 
primary 'Harris, C.M.' 3 ? 
primary 'Harris, T.M.' 4 ? 
primary 'Stone, M.P.'  5 ? 
# 
loop_
_entity.id 
_entity.type 
_entity.src_method 
_entity.pdbx_description 
_entity.formula_weight 
_entity.pdbx_number_of_molecules 
_entity.pdbx_ec 
_entity.pdbx_mutation 
_entity.pdbx_fragment 
_entity.details 
1 polymer syn "5'-D(*CP*GP*GP*AP*CP*(ABR)P*AP*GP*AP*AP*G)-3'" 3536.411 1 ? ? ? 'N-RAS Protooncogene' 
2 polymer syn "5'-D(*CP*TP*TP*CP*TP*TP*GP*TP*CP*CP*G)-3'"     3291.145 1 ? ? ? 'N-RAS Protooncogene' 
# 
loop_
_entity_poly.entity_id 
_entity_poly.type 
_entity_poly.nstd_linkage 
_entity_poly.nstd_monomer 
_entity_poly.pdbx_seq_one_letter_code 
_entity_poly.pdbx_seq_one_letter_code_can 
_entity_poly.pdbx_strand_id 
_entity_poly.pdbx_target_identifier 
1 polydeoxyribonucleotide no yes '(DC)(DG)(DG)(DA)(DC)(ABR)(DA)(DG)(DA)(DA)(DG)' CGGACAAGAAG A ? 
2 polydeoxyribonucleotide no no  '(DC)(DT)(DT)(DC)(DT)(DT)(DG)(DT)(DC)(DC)(DG)'  CTTCTTGTCCG B ? 
# 
loop_
_entity_poly_seq.entity_id 
_entity_poly_seq.num 
_entity_poly_seq.mon_id 
_entity_poly_seq.hetero 
1 1  DC  n 
1 2  DG  n 
1 3  DG  n 
1 4  DA  n 
1 5  DC  n 
1 6  ABR n 
1 7  DA  n 
1 8  DG  n 
1 9  DA  n 
1 10 DA  n 
1 11 DG  n 
2 1  DC  n 
2 2  DT  n 
2 3  DT  n 
2 4  DC  n 
2 5  DT  n 
2 6  DT  n 
2 7  DG  n 
2 8  DT  n 
2 9  DC  n 
2 10 DC  n 
2 11 DG  n 
# 
loop_
_pdbx_entity_src_syn.entity_id 
_pdbx_entity_src_syn.pdbx_src_id 
_pdbx_entity_src_syn.pdbx_alt_source_flag 
_pdbx_entity_src_syn.pdbx_beg_seq_num 
_pdbx_entity_src_syn.pdbx_end_seq_num 
_pdbx_entity_src_syn.organism_scientific 
_pdbx_entity_src_syn.organism_common_name 
_pdbx_entity_src_syn.ncbi_taxonomy_id 
_pdbx_entity_src_syn.details 
1 1 sample ? ? ? ? ? 'This sequence was generated by an oligonucleotide synthesizer' 
2 1 sample ? ? ? ? ? 'This sequence was generated by an oligonucleotide synthesizer' 
# 
loop_
_chem_comp.id 
_chem_comp.type 
_chem_comp.mon_nstd_flag 
_chem_comp.name 
_chem_comp.pdbx_synonyms 
_chem_comp.formula 
_chem_comp.formula_weight 
ABR 'DNA linking' n "(R)-(N-PHENYL-2-HYDROXY-ETHYL)-2'-DEOXY-ADENOSINE-5'-MONOPHOSPHATE" ? 'C18 H22 N5 O7 P' 451.370 
DA  'DNA linking' y "2'-DEOXYADENOSINE-5'-MONOPHOSPHATE"                                 ? 'C10 H14 N5 O6 P' 331.222 
DC  'DNA linking' y "2'-DEOXYCYTIDINE-5'-MONOPHOSPHATE"                                  ? 'C9 H14 N3 O7 P'  307.197 
DG  'DNA linking' y "2'-DEOXYGUANOSINE-5'-MONOPHOSPHATE"                                 ? 'C10 H14 N5 O7 P' 347.221 
DT  'DNA linking' y "THYMIDINE-5'-MONOPHOSPHATE"                                         ? 'C10 H15 N2 O8 P' 322.208 
# 
loop_
_pdbx_poly_seq_scheme.asym_id 
_pdbx_poly_seq_scheme.entity_id 
_pdbx_poly_seq_scheme.seq_id 
_pdbx_poly_seq_scheme.mon_id 
_pdbx_poly_seq_scheme.ndb_seq_num 
_pdbx_poly_seq_scheme.pdb_seq_num 
_pdbx_poly_seq_scheme.auth_seq_num 
_pdbx_poly_seq_scheme.pdb_mon_id 
_pdbx_poly_seq_scheme.auth_mon_id 
_pdbx_poly_seq_scheme.pdb_strand_id 
_pdbx_poly_seq_scheme.pdb_ins_code 
_pdbx_poly_seq_scheme.hetero 
A 1 1  DC  1  1  1  DC  C   A . n 
A 1 2  DG  2  2  2  DG  G   A . n 
A 1 3  DG  3  3  3  DG  G   A . n 
A 1 4  DA  4  4  4  DA  A   A . n 
A 1 5  DC  5  5  5  DC  C   A . n 
A 1 6  ABR 6  6  6  ABR ABR A . n 
A 1 7  DA  7  7  7  DA  A   A . n 
A 1 8  DG  8  8  8  DG  G   A . n 
A 1 9  DA  9  9  9  DA  A   A . n 
A 1 10 DA  10 10 10 DA  A   A . n 
A 1 11 DG  11 11 11 DG  G   A . n 
B 2 1  DC  1  12 12 DC  C   B . n 
B 2 2  DT  2  13 13 DT  T   B . n 
B 2 3  DT  3  14 14 DT  T   B . n 
B 2 4  DC  4  15 15 DC  C   B . n 
B 2 5  DT  5  16 16 DT  T   B . n 
B 2 6  DT  6  17 17 DT  T   B . n 
B 2 7  DG  7  18 18 DG  G   B . n 
B 2 8  DT  8  19 19 DT  T   B . n 
B 2 9  DC  9  20 20 DC  C   B . n 
B 2 10 DC  10 21 21 DC  C   B . n 
B 2 11 DG  11 22 22 DG  G   B . n 
# 
_exptl.entry_id          1K5E 
_exptl.method            'SOLUTION NMR' 
_exptl.crystals_number   ? 
# 
_exptl_crystal.id                    1 
_exptl_crystal.density_meas          ? 
_exptl_crystal.density_Matthews      ? 
_exptl_crystal.density_percent_sol   ? 
_exptl_crystal.description           ? 
# 
_diffrn.id                     1 
_diffrn.ambient_temp           ? 
_diffrn.ambient_temp_details   ? 
_diffrn.crystal_id             1 
# 
_diffrn_radiation.diffrn_id                        1 
_diffrn_radiation.wavelength_id                    1 
_diffrn_radiation.pdbx_monochromatic_or_laue_m_l   M 
_diffrn_radiation.monochromator                    ? 
_diffrn_radiation.pdbx_diffrn_protocol             'SINGLE WAVELENGTH' 
_diffrn_radiation.pdbx_scattering_type             ? 
# 
_diffrn_radiation_wavelength.id           1 
_diffrn_radiation_wavelength.wavelength   . 
_diffrn_radiation_wavelength.wt           1.0 
# 
_struct.entry_id                  1K5E 
_struct.title                     'Solution Structure of R-styrene Adduct in the Ras61 Sequence' 
_struct.pdbx_model_details        ? 
_struct.pdbx_CASP_flag            ? 
_struct.pdbx_model_type_details   'minimized average' 
# 
_struct_keywords.entry_id        1K5E 
_struct_keywords.pdbx_keywords   DNA 
_struct_keywords.text            'styrene, DNA adduct, solution structure of DNA, DNA' 
# 
loop_
_struct_asym.id 
_struct_asym.pdbx_blank_PDB_chainid_flag 
_struct_asym.pdbx_modified 
_struct_asym.entity_id 
_struct_asym.details 
A N N 1 ? 
B N N 2 ? 
# 
loop_
_struct_ref.id 
_struct_ref.entity_id 
_struct_ref.db_name 
_struct_ref.db_code 
_struct_ref.pdbx_db_accession 
_struct_ref.pdbx_db_isoform 
_struct_ref.pdbx_seq_one_letter_code 
_struct_ref.pdbx_align_begin 
1 1 PDB 1K5E 1K5E ? ? ? 
2 2 PDB 1K5E 1K5E ? ? ? 
# 
loop_
_struct_ref_seq.align_id 
_struct_ref_seq.ref_id 
_struct_ref_seq.pdbx_PDB_id_code 
_struct_ref_seq.pdbx_strand_id 
_struct_ref_seq.seq_align_beg 
_struct_ref_seq.pdbx_seq_align_beg_ins_code 
_struct_ref_seq.seq_align_end 
_struct_ref_seq.pdbx_seq_align_end_ins_code 
_struct_ref_seq.pdbx_db_accession 
_struct_ref_seq.db_align_beg 
_struct_ref_seq.pdbx_db_align_beg_ins_code 
_struct_ref_seq.db_align_end 
_struct_ref_seq.pdbx_db_align_end_ins_code 
_struct_ref_seq.pdbx_auth_seq_align_beg 
_struct_ref_seq.pdbx_auth_seq_align_end 
1 1 1K5E A 1 ? 11 ? 1K5E 1  ? 11 ? 1  11 
2 2 1K5E B 1 ? 11 ? 1K5E 12 ? 22 ? 12 22 
# 
_pdbx_struct_assembly.id                   1 
_pdbx_struct_assembly.details              author_defined_assembly 
_pdbx_struct_assembly.method_details       ? 
_pdbx_struct_assembly.oligomeric_details   dimeric 
_pdbx_struct_assembly.oligomeric_count     2 
# 
_pdbx_struct_assembly_gen.assembly_id       1 
_pdbx_struct_assembly_gen.oper_expression   1 
_pdbx_struct_assembly_gen.asym_id_list      A,B 
# 
_pdbx_struct_oper_list.id                   1 
_pdbx_struct_oper_list.type                 'identity operation' 
_pdbx_struct_oper_list.name                 1_555 
_pdbx_struct_oper_list.symmetry_operation   x,y,z 
_pdbx_struct_oper_list.matrix[1][1]         1.0000000000 
_pdbx_struct_oper_list.matrix[1][2]         0.0000000000 
_pdbx_struct_oper_list.matrix[1][3]         0.0000000000 
_pdbx_struct_oper_list.vector[1]            0.0000000000 
_pdbx_struct_oper_list.matrix[2][1]         0.0000000000 
_pdbx_struct_oper_list.matrix[2][2]         1.0000000000 
_pdbx_struct_oper_list.matrix[2][3]         0.0000000000 
_pdbx_struct_oper_list.vector[2]            0.0000000000 
_pdbx_struct_oper_list.matrix[3][1]         0.0000000000 
_pdbx_struct_oper_list.matrix[3][2]         0.0000000000 
_pdbx_struct_oper_list.matrix[3][3]         1.0000000000 
_pdbx_struct_oper_list.vector[3]            0.0000000000 
# 
_struct_biol.id   1 
# 
loop_
_struct_conn.id 
_struct_conn.conn_type_id 
_struct_conn.pdbx_leaving_atom_flag 
_struct_conn.pdbx_PDB_id 
_struct_conn.ptnr1_label_asym_id 
_struct_conn.ptnr1_label_comp_id 
_struct_conn.ptnr1_label_seq_id 
_struct_conn.ptnr1_label_atom_id 
_struct_conn.pdbx_ptnr1_label_alt_id 
_struct_conn.pdbx_ptnr1_PDB_ins_code 
_struct_conn.pdbx_ptnr1_standard_comp_id 
_struct_conn.ptnr1_symmetry 
_struct_conn.ptnr2_label_asym_id 
_struct_conn.ptnr2_label_comp_id 
_struct_conn.ptnr2_label_seq_id 
_struct_conn.ptnr2_label_atom_id 
_struct_conn.pdbx_ptnr2_label_alt_id 
_struct_conn.pdbx_ptnr2_PDB_ins_code 
_struct_conn.ptnr1_auth_asym_id 
_struct_conn.ptnr1_auth_comp_id 
_struct_conn.ptnr1_auth_seq_id 
_struct_conn.ptnr2_auth_asym_id 
_struct_conn.ptnr2_auth_comp_id 
_struct_conn.ptnr2_auth_seq_id 
_struct_conn.ptnr2_symmetry 
_struct_conn.pdbx_ptnr3_label_atom_id 
_struct_conn.pdbx_ptnr3_label_seq_id 
_struct_conn.pdbx_ptnr3_label_comp_id 
_struct_conn.pdbx_ptnr3_label_asym_id 
_struct_conn.pdbx_ptnr3_label_alt_id 
_struct_conn.pdbx_ptnr3_PDB_ins_code 
_struct_conn.details 
_struct_conn.pdbx_dist_value 
_struct_conn.pdbx_value_order 
_struct_conn.pdbx_role 
covale1  covale both ? A DC  5  "O3'" ? ? ? 1_555 A ABR 6  P  ? ? A DC  5  A ABR 6  1_555 ? ? ? ? ? ? ?            1.611 ? ? 
covale2  covale both ? A ABR 6  "O3'" ? ? ? 1_555 A DA  7  P  ? ? A ABR 6  A DA  7  1_555 ? ? ? ? ? ? ?            1.613 ? ? 
hydrog1  hydrog ?    ? A DC  1  N3    ? ? ? 1_555 B DG  11 N1 ? ? A DC  1  B DG  22 1_555 ? ? ? ? ? ? WATSON-CRICK ?     ? ? 
hydrog2  hydrog ?    ? A DC  1  N4    ? ? ? 1_555 B DG  11 O6 ? ? A DC  1  B DG  22 1_555 ? ? ? ? ? ? WATSON-CRICK ?     ? ? 
hydrog3  hydrog ?    ? A DC  1  O2    ? ? ? 1_555 B DG  11 N2 ? ? A DC  1  B DG  22 1_555 ? ? ? ? ? ? WATSON-CRICK ?     ? ? 
hydrog4  hydrog ?    ? A DG  2  N1    ? ? ? 1_555 B DC  10 N3 ? ? A DG  2  B DC  21 1_555 ? ? ? ? ? ? WATSON-CRICK ?     ? ? 
hydrog5  hydrog ?    ? A DG  2  N2    ? ? ? 1_555 B DC  10 O2 ? ? A DG  2  B DC  21 1_555 ? ? ? ? ? ? WATSON-CRICK ?     ? ? 
hydrog6  hydrog ?    ? A DG  2  O6    ? ? ? 1_555 B DC  10 N4 ? ? A DG  2  B DC  21 1_555 ? ? ? ? ? ? WATSON-CRICK ?     ? ? 
hydrog7  hydrog ?    ? A DG  3  N1    ? ? ? 1_555 B DC  9  N3 ? ? A DG  3  B DC  20 1_555 ? ? ? ? ? ? WATSON-CRICK ?     ? ? 
hydrog8  hydrog ?    ? A DG  3  N2    ? ? ? 1_555 B DC  9  O2 ? ? A DG  3  B DC  20 1_555 ? ? ? ? ? ? WATSON-CRICK ?     ? ? 
hydrog9  hydrog ?    ? A DG  3  O6    ? ? ? 1_555 B DC  9  N4 ? ? A DG  3  B DC  20 1_555 ? ? ? ? ? ? WATSON-CRICK ?     ? ? 
hydrog10 hydrog ?    ? A DA  4  N1    ? ? ? 1_555 B DT  8  N3 ? ? A DA  4  B DT  19 1_555 ? ? ? ? ? ? WATSON-CRICK ?     ? ? 
hydrog11 hydrog ?    ? A DA  4  N6    ? ? ? 1_555 B DT  8  O4 ? ? A DA  4  B DT  19 1_555 ? ? ? ? ? ? WATSON-CRICK ?     ? ? 
hydrog12 hydrog ?    ? A DC  5  N3    ? ? ? 1_555 B DG  7  N1 ? ? A DC  5  B DG  18 1_555 ? ? ? ? ? ? WATSON-CRICK ?     ? ? 
hydrog13 hydrog ?    ? A DC  5  N4    ? ? ? 1_555 B DG  7  O6 ? ? A DC  5  B DG  18 1_555 ? ? ? ? ? ? WATSON-CRICK ?     ? ? 
hydrog14 hydrog ?    ? A DC  5  O2    ? ? ? 1_555 B DG  7  N2 ? ? A DC  5  B DG  18 1_555 ? ? ? ? ? ? WATSON-CRICK ?     ? ? 
hydrog15 hydrog ?    ? A ABR 6  N1    ? ? ? 1_555 B DT  6  N3 ? ? A ABR 6  B DT  17 1_555 ? ? ? ? ? ? WATSON-CRICK ?     ? ? 
hydrog16 hydrog ?    ? A ABR 6  N6    ? ? ? 1_555 B DT  6  O4 ? ? A ABR 6  B DT  17 1_555 ? ? ? ? ? ? WATSON-CRICK ?     ? ? 
hydrog17 hydrog ?    ? A DA  7  N1    ? ? ? 1_555 B DT  5  N3 ? ? A DA  7  B DT  16 1_555 ? ? ? ? ? ? WATSON-CRICK ?     ? ? 
hydrog18 hydrog ?    ? A DA  7  N6    ? ? ? 1_555 B DT  5  O4 ? ? A DA  7  B DT  16 1_555 ? ? ? ? ? ? WATSON-CRICK ?     ? ? 
hydrog19 hydrog ?    ? A DG  8  N1    ? ? ? 1_555 B DC  4  N3 ? ? A DG  8  B DC  15 1_555 ? ? ? ? ? ? WATSON-CRICK ?     ? ? 
hydrog20 hydrog ?    ? A DG  8  N2    ? ? ? 1_555 B DC  4  O2 ? ? A DG  8  B DC  15 1_555 ? ? ? ? ? ? WATSON-CRICK ?     ? ? 
hydrog21 hydrog ?    ? A DG  8  O6    ? ? ? 1_555 B DC  4  N4 ? ? A DG  8  B DC  15 1_555 ? ? ? ? ? ? WATSON-CRICK ?     ? ? 
hydrog22 hydrog ?    ? A DA  9  N1    ? ? ? 1_555 B DT  3  N3 ? ? A DA  9  B DT  14 1_555 ? ? ? ? ? ? WATSON-CRICK ?     ? ? 
hydrog23 hydrog ?    ? A DA  9  N6    ? ? ? 1_555 B DT  3  O4 ? ? A DA  9  B DT  14 1_555 ? ? ? ? ? ? WATSON-CRICK ?     ? ? 
hydrog24 hydrog ?    ? A DA  10 N1    ? ? ? 1_555 B DT  2  N3 ? ? A DA  10 B DT  13 1_555 ? ? ? ? ? ? WATSON-CRICK ?     ? ? 
hydrog25 hydrog ?    ? A DA  10 N6    ? ? ? 1_555 B DT  2  O4 ? ? A DA  10 B DT  13 1_555 ? ? ? ? ? ? WATSON-CRICK ?     ? ? 
hydrog26 hydrog ?    ? A DG  11 N1    ? ? ? 1_555 B DC  1  N3 ? ? A DG  11 B DC  12 1_555 ? ? ? ? ? ? WATSON-CRICK ?     ? ? 
hydrog27 hydrog ?    ? A DG  11 N2    ? ? ? 1_555 B DC  1  O2 ? ? A DG  11 B DC  12 1_555 ? ? ? ? ? ? WATSON-CRICK ?     ? ? 
hydrog28 hydrog ?    ? A DG  11 O6    ? ? ? 1_555 B DC  1  N4 ? ? A DG  11 B DC  12 1_555 ? ? ? ? ? ? WATSON-CRICK ?     ? ? 
# 
loop_
_struct_conn_type.id 
_struct_conn_type.criteria 
_struct_conn_type.reference 
covale ? ? 
hydrog ? ? 
# 
loop_
_pdbx_validate_close_contact.id 
_pdbx_validate_close_contact.PDB_model_num 
_pdbx_validate_close_contact.auth_atom_id_1 
_pdbx_validate_close_contact.auth_asym_id_1 
_pdbx_validate_close_contact.auth_comp_id_1 
_pdbx_validate_close_contact.auth_seq_id_1 
_pdbx_validate_close_contact.PDB_ins_code_1 
_pdbx_validate_close_contact.label_alt_id_1 
_pdbx_validate_close_contact.auth_atom_id_2 
_pdbx_validate_close_contact.auth_asym_id_2 
_pdbx_validate_close_contact.auth_comp_id_2 
_pdbx_validate_close_contact.auth_seq_id_2 
_pdbx_validate_close_contact.PDB_ins_code_2 
_pdbx_validate_close_contact.label_alt_id_2 
_pdbx_validate_close_contact.dist 
1 1 HA     A ABR 6  ? ? O4    B DT 16 ? ? 1.43 
2 1 "H2''" B DC  15 ? ? "O5'" B DT 16 ? ? 1.48 
3 1 CA     A ABR 6  ? ? O4    B DT 16 ? ? 2.15 
# 
loop_
_pdbx_validate_rmsd_angle.id 
_pdbx_validate_rmsd_angle.PDB_model_num 
_pdbx_validate_rmsd_angle.auth_atom_id_1 
_pdbx_validate_rmsd_angle.auth_asym_id_1 
_pdbx_validate_rmsd_angle.auth_comp_id_1 
_pdbx_validate_rmsd_angle.auth_seq_id_1 
_pdbx_validate_rmsd_angle.PDB_ins_code_1 
_pdbx_validate_rmsd_angle.label_alt_id_1 
_pdbx_validate_rmsd_angle.auth_atom_id_2 
_pdbx_validate_rmsd_angle.auth_asym_id_2 
_pdbx_validate_rmsd_angle.auth_comp_id_2 
_pdbx_validate_rmsd_angle.auth_seq_id_2 
_pdbx_validate_rmsd_angle.PDB_ins_code_2 
_pdbx_validate_rmsd_angle.label_alt_id_2 
_pdbx_validate_rmsd_angle.auth_atom_id_3 
_pdbx_validate_rmsd_angle.auth_asym_id_3 
_pdbx_validate_rmsd_angle.auth_comp_id_3 
_pdbx_validate_rmsd_angle.auth_seq_id_3 
_pdbx_validate_rmsd_angle.PDB_ins_code_3 
_pdbx_validate_rmsd_angle.label_alt_id_3 
_pdbx_validate_rmsd_angle.angle_value 
_pdbx_validate_rmsd_angle.angle_target_value 
_pdbx_validate_rmsd_angle.angle_deviation 
_pdbx_validate_rmsd_angle.angle_standard_deviation 
_pdbx_validate_rmsd_angle.linker_flag 
1  1 "O4'" A DC 1  ? ? "C1'" A DC 1  ? ? N1 A DC 1  ? ? 110.86 108.30 2.56  0.30 N 
2  1 "O4'" A DG 2  ? ? "C1'" A DG 2  ? ? N9 A DG 2  ? ? 110.85 108.30 2.55  0.30 N 
3  1 N7    A DG 2  ? ? C8    A DG 2  ? ? N9 A DG 2  ? ? 117.58 113.10 4.48  0.50 N 
4  1 C8    A DG 2  ? ? N9    A DG 2  ? ? C4 A DG 2  ? ? 103.98 106.40 -2.42 0.40 N 
5  1 "O4'" A DG 3  ? ? "C1'" A DG 3  ? ? N9 A DG 3  ? ? 111.10 108.30 2.80  0.30 N 
6  1 N7    A DG 3  ? ? C8    A DG 3  ? ? N9 A DG 3  ? ? 117.66 113.10 4.56  0.50 N 
7  1 C8    A DG 3  ? ? N9    A DG 3  ? ? C4 A DG 3  ? ? 103.89 106.40 -2.51 0.40 N 
8  1 N7    A DA 4  ? ? C8    A DA 4  ? ? N9 A DA 4  ? ? 117.63 113.80 3.83  0.50 N 
9  1 "O4'" A DC 5  ? ? "C1'" A DC 5  ? ? N1 A DC 5  ? ? 110.77 108.30 2.47  0.30 N 
10 1 "O4'" A DA 7  ? ? "C1'" A DA 7  ? ? N9 A DA 7  ? ? 110.13 108.30 1.83  0.30 N 
11 1 N7    A DA 7  ? ? C8    A DA 7  ? ? N9 A DA 7  ? ? 117.65 113.80 3.85  0.50 N 
12 1 "O4'" A DG 8  ? ? "C1'" A DG 8  ? ? N9 A DG 8  ? ? 110.30 108.30 2.00  0.30 N 
13 1 N7    A DG 8  ? ? C8    A DG 8  ? ? N9 A DG 8  ? ? 117.78 113.10 4.68  0.50 N 
14 1 C8    A DG 8  ? ? N9    A DG 8  ? ? C4 A DG 8  ? ? 103.87 106.40 -2.53 0.40 N 
15 1 N7    A DA 9  ? ? C8    A DA 9  ? ? N9 A DA 9  ? ? 117.46 113.80 3.66  0.50 N 
16 1 "O4'" A DA 10 ? ? "C1'" A DA 10 ? ? N9 A DA 10 ? ? 110.72 108.30 2.42  0.30 N 
17 1 N7    A DA 10 ? ? C8    A DA 10 ? ? N9 A DA 10 ? ? 117.65 113.80 3.85  0.50 N 
18 1 "O4'" A DG 11 ? ? "C1'" A DG 11 ? ? N9 A DG 11 ? ? 110.39 108.30 2.09  0.30 N 
19 1 N7    A DG 11 ? ? C8    A DG 11 ? ? N9 A DG 11 ? ? 117.67 113.10 4.57  0.50 N 
20 1 C8    A DG 11 ? ? N9    A DG 11 ? ? C4 A DG 11 ? ? 103.88 106.40 -2.52 0.40 N 
21 1 "O4'" B DC 12 ? ? "C1'" B DC 12 ? ? N1 B DC 12 ? ? 110.33 108.30 2.03  0.30 N 
22 1 "O4'" B DT 13 ? ? "C1'" B DT 13 ? ? N1 B DT 13 ? ? 110.95 108.30 2.65  0.30 N 
23 1 "O4'" B DT 14 ? ? "C1'" B DT 14 ? ? N1 B DT 14 ? ? 111.10 108.30 2.80  0.30 N 
24 1 "O4'" B DC 15 ? ? "C1'" B DC 15 ? ? N1 B DC 15 ? ? 110.85 108.30 2.55  0.30 N 
25 1 "O4'" B DT 16 ? ? "C1'" B DT 16 ? ? N1 B DT 16 ? ? 110.54 108.30 2.24  0.30 N 
26 1 "O4'" B DT 17 ? ? "C1'" B DT 17 ? ? N1 B DT 17 ? ? 110.54 108.30 2.24  0.30 N 
27 1 "O4'" B DG 18 ? ? "C1'" B DG 18 ? ? N9 B DG 18 ? ? 110.89 108.30 2.59  0.30 N 
28 1 N7    B DG 18 ? ? C8    B DG 18 ? ? N9 B DG 18 ? ? 117.59 113.10 4.49  0.50 N 
29 1 C8    B DG 18 ? ? N9    B DG 18 ? ? C4 B DG 18 ? ? 103.80 106.40 -2.60 0.40 N 
30 1 "O4'" B DT 19 ? ? "C1'" B DT 19 ? ? N1 B DT 19 ? ? 110.77 108.30 2.47  0.30 N 
31 1 "O4'" B DC 20 ? ? "C1'" B DC 20 ? ? N1 B DC 20 ? ? 111.19 108.30 2.89  0.30 N 
32 1 "O4'" B DC 21 ? ? "C1'" B DC 21 ? ? N1 B DC 21 ? ? 111.02 108.30 2.72  0.30 N 
33 1 "O4'" B DG 22 ? ? "C1'" B DG 22 ? ? N9 B DG 22 ? ? 111.17 108.30 2.87  0.30 N 
34 1 N7    B DG 22 ? ? C8    B DG 22 ? ? N9 B DG 22 ? ? 117.63 113.10 4.53  0.50 N 
35 1 C8    B DG 22 ? ? N9    B DG 22 ? ? C4 B DG 22 ? ? 103.79 106.40 -2.61 0.40 N 
# 
_pdbx_struct_mod_residue.id               1 
_pdbx_struct_mod_residue.label_asym_id    A 
_pdbx_struct_mod_residue.label_comp_id    ABR 
_pdbx_struct_mod_residue.label_seq_id     6 
_pdbx_struct_mod_residue.auth_asym_id     A 
_pdbx_struct_mod_residue.auth_comp_id     ABR 
_pdbx_struct_mod_residue.auth_seq_id      6 
_pdbx_struct_mod_residue.PDB_ins_code     ? 
_pdbx_struct_mod_residue.parent_comp_id   DA 
_pdbx_struct_mod_residue.details          ? 
# 
_pdbx_nmr_ensemble.entry_id                                      1K5E 
_pdbx_nmr_ensemble.conformers_calculated_total_number            50 
_pdbx_nmr_ensemble.conformers_submitted_total_number             1 
_pdbx_nmr_ensemble.conformer_selection_criteria                  'back calculated data agree with experimental NOESY spectrum' 
_pdbx_nmr_ensemble.average_constraints_per_residue               ? 
_pdbx_nmr_ensemble.average_constraint_violations_per_residue     ? 
_pdbx_nmr_ensemble.maximum_distance_constraint_violation         ? 
_pdbx_nmr_ensemble.average_distance_constraint_violation         ? 
_pdbx_nmr_ensemble.maximum_upper_distance_constraint_violation   ? 
_pdbx_nmr_ensemble.maximum_lower_distance_constraint_violation   ? 
_pdbx_nmr_ensemble.distance_constraint_violation_method          ? 
_pdbx_nmr_ensemble.maximum_torsion_angle_constraint_violation    ? 
_pdbx_nmr_ensemble.average_torsion_angle_constraint_violation    ? 
_pdbx_nmr_ensemble.torsion_angle_constraint_violation_method     ? 
# 
_pdbx_nmr_representative.entry_id             1K5E 
_pdbx_nmr_representative.conformer_id         1 
_pdbx_nmr_representative.selection_criteria   'minimized average structure' 
# 
_pdbx_nmr_sample_details.solution_id      1 
_pdbx_nmr_sample_details.contents         
'130 OD260 of double stranded oligodeoxynucleotide are dissolved in 0.5 ml nmr buffer containing 99.996% D2O.' 
_pdbx_nmr_sample_details.solvent_system   'The buffer is 10mM sodium phosphate pH 6.9 containing 100mM NaCl and 0.05mM Na2EDTA.' 
# 
_pdbx_nmr_exptl_sample_conditions.conditions_id       1 
_pdbx_nmr_exptl_sample_conditions.temperature         293 
_pdbx_nmr_exptl_sample_conditions.pressure            1 
_pdbx_nmr_exptl_sample_conditions.pH                  6.9 
_pdbx_nmr_exptl_sample_conditions.ionic_strength      '10mM phosphate buffer' 
_pdbx_nmr_exptl_sample_conditions.pressure_units      atm 
_pdbx_nmr_exptl_sample_conditions.temperature_units   K 
# 
loop_
_pdbx_nmr_exptl.experiment_id 
_pdbx_nmr_exptl.solution_id 
_pdbx_nmr_exptl.conditions_id 
_pdbx_nmr_exptl.type 
1 1 1 Noesy    
2 1 1 DQF-COSY 
# 
_pdbx_nmr_details.entry_id   1K5E 
_pdbx_nmr_details.text       'NOESY at 100, 150 and 200 ms mixing time' 
# 
_pdbx_nmr_refine.entry_id           1K5E 
_pdbx_nmr_refine.method             
;simulated annealing, 
molecular dynamics, 
matrix relaxation
;
_pdbx_nmr_refine.details            ? 
_pdbx_nmr_refine.software_ordinal   1 
# 
loop_
_pdbx_nmr_software.name 
_pdbx_nmr_software.version 
_pdbx_nmr_software.classification 
_pdbx_nmr_software.authors 
_pdbx_nmr_software.ordinal 
Felix     97   collection                    'Molecular simulations' 1 
MARDIGRAS 3.0  refinement                    'James, TL'             2 
X-PLOR    3.85 'iterative matrix relaxation' Brunger                 3 
CORMA     4.0  'data analysis'               James                   4 
# 
loop_
_chem_comp_atom.comp_id 
_chem_comp_atom.atom_id 
_chem_comp_atom.type_symbol 
_chem_comp_atom.pdbx_aromatic_flag 
_chem_comp_atom.pdbx_stereo_config 
_chem_comp_atom.pdbx_ordinal 
ABR P      P N N 1   
ABR OP1    O N N 2   
ABR OP2    O N N 3   
ABR "O5'"  O N N 4   
ABR "C5'"  C N N 5   
ABR "C4'"  C N R 6   
ABR "O4'"  O N N 7   
ABR "C1'"  C N R 8   
ABR N9     N Y N 9   
ABR C4     C Y N 10  
ABR N3     N Y N 11  
ABR C2     C Y N 12  
ABR N1     N Y N 13  
ABR C6     C Y N 14  
ABR N6     N N N 15  
ABR CA     C N R 16  
ABR OA     O N N 17  
ABR CB     C N N 18  
ABR CS6    C Y N 19  
ABR CS1    C Y N 20  
ABR CS5    C Y N 21  
ABR CS2    C Y N 22  
ABR CS4    C Y N 23  
ABR CS3    C Y N 24  
ABR C5     C Y N 25  
ABR N7     N Y N 26  
ABR C8     C Y N 27  
ABR "C2'"  C N N 28  
ABR "C3'"  C N S 29  
ABR "O3'"  O N N 30  
ABR OP3    O N N 31  
ABR HOP2   H N N 32  
ABR "H5'"  H N N 33  
ABR "H5''" H N N 34  
ABR "H4'"  H N N 35  
ABR "H1'"  H N N 36  
ABR H2     H N N 37  
ABR H6     H N N 38  
ABR HA     H N N 39  
ABR HOA    H N N 40  
ABR HB1    H N N 41  
ABR HB2    H N N 42  
ABR HS1    H N N 43  
ABR HS5    H N N 44  
ABR HS2    H N N 45  
ABR HS4    H N N 46  
ABR HS3    H N N 47  
ABR H8     H N N 48  
ABR "H2'"  H N N 49  
ABR "H2''" H N N 50  
ABR "H3'"  H N N 51  
ABR "HO3'" H N N 52  
ABR HOP3   H N N 53  
DA  OP3    O N N 54  
DA  P      P N N 55  
DA  OP1    O N N 56  
DA  OP2    O N N 57  
DA  "O5'"  O N N 58  
DA  "C5'"  C N N 59  
DA  "C4'"  C N R 60  
DA  "O4'"  O N N 61  
DA  "C3'"  C N S 62  
DA  "O3'"  O N N 63  
DA  "C2'"  C N N 64  
DA  "C1'"  C N R 65  
DA  N9     N Y N 66  
DA  C8     C Y N 67  
DA  N7     N Y N 68  
DA  C5     C Y N 69  
DA  C6     C Y N 70  
DA  N6     N N N 71  
DA  N1     N Y N 72  
DA  C2     C Y N 73  
DA  N3     N Y N 74  
DA  C4     C Y N 75  
DA  HOP3   H N N 76  
DA  HOP2   H N N 77  
DA  "H5'"  H N N 78  
DA  "H5''" H N N 79  
DA  "H4'"  H N N 80  
DA  "H3'"  H N N 81  
DA  "HO3'" H N N 82  
DA  "H2'"  H N N 83  
DA  "H2''" H N N 84  
DA  "H1'"  H N N 85  
DA  H8     H N N 86  
DA  H61    H N N 87  
DA  H62    H N N 88  
DA  H2     H N N 89  
DC  OP3    O N N 90  
DC  P      P N N 91  
DC  OP1    O N N 92  
DC  OP2    O N N 93  
DC  "O5'"  O N N 94  
DC  "C5'"  C N N 95  
DC  "C4'"  C N R 96  
DC  "O4'"  O N N 97  
DC  "C3'"  C N S 98  
DC  "O3'"  O N N 99  
DC  "C2'"  C N N 100 
DC  "C1'"  C N R 101 
DC  N1     N N N 102 
DC  C2     C N N 103 
DC  O2     O N N 104 
DC  N3     N N N 105 
DC  C4     C N N 106 
DC  N4     N N N 107 
DC  C5     C N N 108 
DC  C6     C N N 109 
DC  HOP3   H N N 110 
DC  HOP2   H N N 111 
DC  "H5'"  H N N 112 
DC  "H5''" H N N 113 
DC  "H4'"  H N N 114 
DC  "H3'"  H N N 115 
DC  "HO3'" H N N 116 
DC  "H2'"  H N N 117 
DC  "H2''" H N N 118 
DC  "H1'"  H N N 119 
DC  H41    H N N 120 
DC  H42    H N N 121 
DC  H5     H N N 122 
DC  H6     H N N 123 
DG  OP3    O N N 124 
DG  P      P N N 125 
DG  OP1    O N N 126 
DG  OP2    O N N 127 
DG  "O5'"  O N N 128 
DG  "C5'"  C N N 129 
DG  "C4'"  C N R 130 
DG  "O4'"  O N N 131 
DG  "C3'"  C N S 132 
DG  "O3'"  O N N 133 
DG  "C2'"  C N N 134 
DG  "C1'"  C N R 135 
DG  N9     N Y N 136 
DG  C8     C Y N 137 
DG  N7     N Y N 138 
DG  C5     C Y N 139 
DG  C6     C N N 140 
DG  O6     O N N 141 
DG  N1     N N N 142 
DG  C2     C N N 143 
DG  N2     N N N 144 
DG  N3     N N N 145 
DG  C4     C Y N 146 
DG  HOP3   H N N 147 
DG  HOP2   H N N 148 
DG  "H5'"  H N N 149 
DG  "H5''" H N N 150 
DG  "H4'"  H N N 151 
DG  "H3'"  H N N 152 
DG  "HO3'" H N N 153 
DG  "H2'"  H N N 154 
DG  "H2''" H N N 155 
DG  "H1'"  H N N 156 
DG  H8     H N N 157 
DG  H1     H N N 158 
DG  H21    H N N 159 
DG  H22    H N N 160 
DT  OP3    O N N 161 
DT  P      P N N 162 
DT  OP1    O N N 163 
DT  OP2    O N N 164 
DT  "O5'"  O N N 165 
DT  "C5'"  C N N 166 
DT  "C4'"  C N R 167 
DT  "O4'"  O N N 168 
DT  "C3'"  C N S 169 
DT  "O3'"  O N N 170 
DT  "C2'"  C N N 171 
DT  "C1'"  C N R 172 
DT  N1     N N N 173 
DT  C2     C N N 174 
DT  O2     O N N 175 
DT  N3     N N N 176 
DT  C4     C N N 177 
DT  O4     O N N 178 
DT  C5     C N N 179 
DT  C7     C N N 180 
DT  C6     C N N 181 
DT  HOP3   H N N 182 
DT  HOP2   H N N 183 
DT  "H5'"  H N N 184 
DT  "H5''" H N N 185 
DT  "H4'"  H N N 186 
DT  "H3'"  H N N 187 
DT  "HO3'" H N N 188 
DT  "H2'"  H N N 189 
DT  "H2''" H N N 190 
DT  "H1'"  H N N 191 
DT  H3     H N N 192 
DT  H71    H N N 193 
DT  H72    H N N 194 
DT  H73    H N N 195 
DT  H6     H N N 196 
# 
loop_
_chem_comp_bond.comp_id 
_chem_comp_bond.atom_id_1 
_chem_comp_bond.atom_id_2 
_chem_comp_bond.value_order 
_chem_comp_bond.pdbx_aromatic_flag 
_chem_comp_bond.pdbx_stereo_config 
_chem_comp_bond.pdbx_ordinal 
ABR P     OP1    doub N N 1   
ABR P     OP2    sing N N 2   
ABR P     "O5'"  sing N N 3   
ABR P     OP3    sing N N 4   
ABR OP2   HOP2   sing N N 5   
ABR "O5'" "C5'"  sing N N 6   
ABR "C5'" "C4'"  sing N N 7   
ABR "C5'" "H5'"  sing N N 8   
ABR "C5'" "H5''" sing N N 9   
ABR "C4'" "O4'"  sing N N 10  
ABR "C4'" "C3'"  sing N N 11  
ABR "C4'" "H4'"  sing N N 12  
ABR "O4'" "C1'"  sing N N 13  
ABR "C1'" N9     sing N N 14  
ABR "C1'" "C2'"  sing N N 15  
ABR "C1'" "H1'"  sing N N 16  
ABR N9    C4     sing Y N 17  
ABR N9    C8     sing Y N 18  
ABR C4    N3     doub Y N 19  
ABR C4    C5     sing Y N 20  
ABR N3    C2     sing Y N 21  
ABR C2    N1     doub Y N 22  
ABR C2    H2     sing N N 23  
ABR N1    C6     sing Y N 24  
ABR C6    N6     sing N N 25  
ABR C6    C5     doub Y N 26  
ABR N6    CB     sing N N 27  
ABR N6    H6     sing N N 28  
ABR CA    OA     sing N N 29  
ABR CA    CB     sing N N 30  
ABR CA    CS6    sing N N 31  
ABR CA    HA     sing N N 32  
ABR OA    HOA    sing N N 33  
ABR CB    HB1    sing N N 34  
ABR CB    HB2    sing N N 35  
ABR CS6   CS1    doub Y N 36  
ABR CS6   CS5    sing Y N 37  
ABR CS1   CS2    sing Y N 38  
ABR CS1   HS1    sing N N 39  
ABR CS5   CS4    doub Y N 40  
ABR CS5   HS5    sing N N 41  
ABR CS2   CS3    doub Y N 42  
ABR CS2   HS2    sing N N 43  
ABR CS4   CS3    sing Y N 44  
ABR CS4   HS4    sing N N 45  
ABR CS3   HS3    sing N N 46  
ABR C5    N7     sing Y N 47  
ABR N7    C8     doub Y N 48  
ABR C8    H8     sing N N 49  
ABR "C2'" "C3'"  sing N N 50  
ABR "C2'" "H2'"  sing N N 51  
ABR "C2'" "H2''" sing N N 52  
ABR "C3'" "O3'"  sing N N 53  
ABR "C3'" "H3'"  sing N N 54  
ABR "O3'" "HO3'" sing N N 55  
ABR OP3   HOP3   sing N N 56  
DA  OP3   P      sing N N 57  
DA  OP3   HOP3   sing N N 58  
DA  P     OP1    doub N N 59  
DA  P     OP2    sing N N 60  
DA  P     "O5'"  sing N N 61  
DA  OP2   HOP2   sing N N 62  
DA  "O5'" "C5'"  sing N N 63  
DA  "C5'" "C4'"  sing N N 64  
DA  "C5'" "H5'"  sing N N 65  
DA  "C5'" "H5''" sing N N 66  
DA  "C4'" "O4'"  sing N N 67  
DA  "C4'" "C3'"  sing N N 68  
DA  "C4'" "H4'"  sing N N 69  
DA  "O4'" "C1'"  sing N N 70  
DA  "C3'" "O3'"  sing N N 71  
DA  "C3'" "C2'"  sing N N 72  
DA  "C3'" "H3'"  sing N N 73  
DA  "O3'" "HO3'" sing N N 74  
DA  "C2'" "C1'"  sing N N 75  
DA  "C2'" "H2'"  sing N N 76  
DA  "C2'" "H2''" sing N N 77  
DA  "C1'" N9     sing N N 78  
DA  "C1'" "H1'"  sing N N 79  
DA  N9    C8     sing Y N 80  
DA  N9    C4     sing Y N 81  
DA  C8    N7     doub Y N 82  
DA  C8    H8     sing N N 83  
DA  N7    C5     sing Y N 84  
DA  C5    C6     sing Y N 85  
DA  C5    C4     doub Y N 86  
DA  C6    N6     sing N N 87  
DA  C6    N1     doub Y N 88  
DA  N6    H61    sing N N 89  
DA  N6    H62    sing N N 90  
DA  N1    C2     sing Y N 91  
DA  C2    N3     doub Y N 92  
DA  C2    H2     sing N N 93  
DA  N3    C4     sing Y N 94  
DC  OP3   P      sing N N 95  
DC  OP3   HOP3   sing N N 96  
DC  P     OP1    doub N N 97  
DC  P     OP2    sing N N 98  
DC  P     "O5'"  sing N N 99  
DC  OP2   HOP2   sing N N 100 
DC  "O5'" "C5'"  sing N N 101 
DC  "C5'" "C4'"  sing N N 102 
DC  "C5'" "H5'"  sing N N 103 
DC  "C5'" "H5''" sing N N 104 
DC  "C4'" "O4'"  sing N N 105 
DC  "C4'" "C3'"  sing N N 106 
DC  "C4'" "H4'"  sing N N 107 
DC  "O4'" "C1'"  sing N N 108 
DC  "C3'" "O3'"  sing N N 109 
DC  "C3'" "C2'"  sing N N 110 
DC  "C3'" "H3'"  sing N N 111 
DC  "O3'" "HO3'" sing N N 112 
DC  "C2'" "C1'"  sing N N 113 
DC  "C2'" "H2'"  sing N N 114 
DC  "C2'" "H2''" sing N N 115 
DC  "C1'" N1     sing N N 116 
DC  "C1'" "H1'"  sing N N 117 
DC  N1    C2     sing N N 118 
DC  N1    C6     sing N N 119 
DC  C2    O2     doub N N 120 
DC  C2    N3     sing N N 121 
DC  N3    C4     doub N N 122 
DC  C4    N4     sing N N 123 
DC  C4    C5     sing N N 124 
DC  N4    H41    sing N N 125 
DC  N4    H42    sing N N 126 
DC  C5    C6     doub N N 127 
DC  C5    H5     sing N N 128 
DC  C6    H6     sing N N 129 
DG  OP3   P      sing N N 130 
DG  OP3   HOP3   sing N N 131 
DG  P     OP1    doub N N 132 
DG  P     OP2    sing N N 133 
DG  P     "O5'"  sing N N 134 
DG  OP2   HOP2   sing N N 135 
DG  "O5'" "C5'"  sing N N 136 
DG  "C5'" "C4'"  sing N N 137 
DG  "C5'" "H5'"  sing N N 138 
DG  "C5'" "H5''" sing N N 139 
DG  "C4'" "O4'"  sing N N 140 
DG  "C4'" "C3'"  sing N N 141 
DG  "C4'" "H4'"  sing N N 142 
DG  "O4'" "C1'"  sing N N 143 
DG  "C3'" "O3'"  sing N N 144 
DG  "C3'" "C2'"  sing N N 145 
DG  "C3'" "H3'"  sing N N 146 
DG  "O3'" "HO3'" sing N N 147 
DG  "C2'" "C1'"  sing N N 148 
DG  "C2'" "H2'"  sing N N 149 
DG  "C2'" "H2''" sing N N 150 
DG  "C1'" N9     sing N N 151 
DG  "C1'" "H1'"  sing N N 152 
DG  N9    C8     sing Y N 153 
DG  N9    C4     sing Y N 154 
DG  C8    N7     doub Y N 155 
DG  C8    H8     sing N N 156 
DG  N7    C5     sing Y N 157 
DG  C5    C6     sing N N 158 
DG  C5    C4     doub Y N 159 
DG  C6    O6     doub N N 160 
DG  C6    N1     sing N N 161 
DG  N1    C2     sing N N 162 
DG  N1    H1     sing N N 163 
DG  C2    N2     sing N N 164 
DG  C2    N3     doub N N 165 
DG  N2    H21    sing N N 166 
DG  N2    H22    sing N N 167 
DG  N3    C4     sing N N 168 
DT  OP3   P      sing N N 169 
DT  OP3   HOP3   sing N N 170 
DT  P     OP1    doub N N 171 
DT  P     OP2    sing N N 172 
DT  P     "O5'"  sing N N 173 
DT  OP2   HOP2   sing N N 174 
DT  "O5'" "C5'"  sing N N 175 
DT  "C5'" "C4'"  sing N N 176 
DT  "C5'" "H5'"  sing N N 177 
DT  "C5'" "H5''" sing N N 178 
DT  "C4'" "O4'"  sing N N 179 
DT  "C4'" "C3'"  sing N N 180 
DT  "C4'" "H4'"  sing N N 181 
DT  "O4'" "C1'"  sing N N 182 
DT  "C3'" "O3'"  sing N N 183 
DT  "C3'" "C2'"  sing N N 184 
DT  "C3'" "H3'"  sing N N 185 
DT  "O3'" "HO3'" sing N N 186 
DT  "C2'" "C1'"  sing N N 187 
DT  "C2'" "H2'"  sing N N 188 
DT  "C2'" "H2''" sing N N 189 
DT  "C1'" N1     sing N N 190 
DT  "C1'" "H1'"  sing N N 191 
DT  N1    C2     sing N N 192 
DT  N1    C6     sing N N 193 
DT  C2    O2     doub N N 194 
DT  C2    N3     sing N N 195 
DT  N3    C4     sing N N 196 
DT  N3    H3     sing N N 197 
DT  C4    O4     doub N N 198 
DT  C4    C5     sing N N 199 
DT  C5    C7     sing N N 200 
DT  C5    C6     doub N N 201 
DT  C7    H71    sing N N 202 
DT  C7    H72    sing N N 203 
DT  C7    H73    sing N N 204 
DT  C6    H6     sing N N 205 
# 
loop_
_ndb_struct_conf_na.entry_id 
_ndb_struct_conf_na.feature 
1K5E 'double helix'        
1K5E 'b-form double helix' 
# 
loop_
_ndb_struct_na_base_pair.model_number 
_ndb_struct_na_base_pair.i_label_asym_id 
_ndb_struct_na_base_pair.i_label_comp_id 
_ndb_struct_na_base_pair.i_label_seq_id 
_ndb_struct_na_base_pair.i_symmetry 
_ndb_struct_na_base_pair.j_label_asym_id 
_ndb_struct_na_base_pair.j_label_comp_id 
_ndb_struct_na_base_pair.j_label_seq_id 
_ndb_struct_na_base_pair.j_symmetry 
_ndb_struct_na_base_pair.shear 
_ndb_struct_na_base_pair.stretch 
_ndb_struct_na_base_pair.stagger 
_ndb_struct_na_base_pair.buckle 
_ndb_struct_na_base_pair.propeller 
_ndb_struct_na_base_pair.opening 
_ndb_struct_na_base_pair.pair_number 
_ndb_struct_na_base_pair.pair_name 
_ndb_struct_na_base_pair.i_auth_asym_id 
_ndb_struct_na_base_pair.i_auth_seq_id 
_ndb_struct_na_base_pair.i_PDB_ins_code 
_ndb_struct_na_base_pair.j_auth_asym_id 
_ndb_struct_na_base_pair.j_auth_seq_id 
_ndb_struct_na_base_pair.j_PDB_ins_code 
_ndb_struct_na_base_pair.hbond_type_28 
_ndb_struct_na_base_pair.hbond_type_12 
1 A DC  1  1_555 B DG 11 1_555 0.115  -0.122 0.324  -8.032  -10.320 -2.802 1  A_DC1:DG22_B  A 1  ? B 22 ? 19 1 
1 A DG  2  1_555 B DC 10 1_555 -0.223 -0.095 -0.232 -10.951 -9.208  1.042  2  A_DG2:DC21_B  A 2  ? B 21 ? 19 1 
1 A DG  3  1_555 B DC 9  1_555 -0.195 -0.105 -0.209 -10.182 -10.098 0.655  3  A_DG3:DC20_B  A 3  ? B 20 ? 19 1 
1 A DA  4  1_555 B DT 8  1_555 0.101  -0.196 0.399  -10.001 -2.904  1.895  4  A_DA4:DT19_B  A 4  ? B 19 ? 20 1 
1 A DC  5  1_555 B DG 7  1_555 0.318  -0.083 0.119  -6.305  7.304   1.607  5  A_DC5:DG18_B  A 5  ? B 18 ? 19 1 
1 A ABR 6  1_555 B DT 6  1_555 -0.039 -0.147 -0.300 6.967   -12.813 -1.586 6  A_ABR6:DT17_B A 6  ? B 17 ? 20 1 
1 A DA  7  1_555 B DT 5  1_555 -0.049 -0.170 0.160  1.649   -11.783 4.197  7  A_DA7:DT16_B  A 7  ? B 16 ? 20 1 
1 A DG  8  1_555 B DC 4  1_555 -0.065 -0.179 -0.176 -2.161  -13.492 -3.323 8  A_DG8:DC15_B  A 8  ? B 15 ? 19 1 
1 A DA  9  1_555 B DT 3  1_555 -0.055 -0.123 0.164  -0.962  -2.256  0.142  9  A_DA9:DT14_B  A 9  ? B 14 ? 20 1 
1 A DA  10 1_555 B DT 2  1_555 -0.031 -0.118 -0.064 3.950   -7.185  2.190  10 A_DA10:DT13_B A 10 ? B 13 ? 20 1 
1 A DG  11 1_555 B DC 1  1_555 -0.095 -0.162 0.160  1.145   -14.343 -3.004 11 A_DG11:DC12_B A 11 ? B 12 ? 19 1 
# 
loop_
_ndb_struct_na_base_pair_step.model_number 
_ndb_struct_na_base_pair_step.i_label_asym_id_1 
_ndb_struct_na_base_pair_step.i_label_comp_id_1 
_ndb_struct_na_base_pair_step.i_label_seq_id_1 
_ndb_struct_na_base_pair_step.i_symmetry_1 
_ndb_struct_na_base_pair_step.j_label_asym_id_1 
_ndb_struct_na_base_pair_step.j_label_comp_id_1 
_ndb_struct_na_base_pair_step.j_label_seq_id_1 
_ndb_struct_na_base_pair_step.j_symmetry_1 
_ndb_struct_na_base_pair_step.i_label_asym_id_2 
_ndb_struct_na_base_pair_step.i_label_comp_id_2 
_ndb_struct_na_base_pair_step.i_label_seq_id_2 
_ndb_struct_na_base_pair_step.i_symmetry_2 
_ndb_struct_na_base_pair_step.j_label_asym_id_2 
_ndb_struct_na_base_pair_step.j_label_comp_id_2 
_ndb_struct_na_base_pair_step.j_label_seq_id_2 
_ndb_struct_na_base_pair_step.j_symmetry_2 
_ndb_struct_na_base_pair_step.shift 
_ndb_struct_na_base_pair_step.slide 
_ndb_struct_na_base_pair_step.rise 
_ndb_struct_na_base_pair_step.tilt 
_ndb_struct_na_base_pair_step.roll 
_ndb_struct_na_base_pair_step.twist 
_ndb_struct_na_base_pair_step.x_displacement 
_ndb_struct_na_base_pair_step.y_displacement 
_ndb_struct_na_base_pair_step.helical_rise 
_ndb_struct_na_base_pair_step.inclination 
_ndb_struct_na_base_pair_step.tip 
_ndb_struct_na_base_pair_step.helical_twist 
_ndb_struct_na_base_pair_step.step_number 
_ndb_struct_na_base_pair_step.step_name 
_ndb_struct_na_base_pair_step.i_auth_asym_id_1 
_ndb_struct_na_base_pair_step.i_auth_seq_id_1 
_ndb_struct_na_base_pair_step.i_PDB_ins_code_1 
_ndb_struct_na_base_pair_step.j_auth_asym_id_1 
_ndb_struct_na_base_pair_step.j_auth_seq_id_1 
_ndb_struct_na_base_pair_step.j_PDB_ins_code_1 
_ndb_struct_na_base_pair_step.i_auth_asym_id_2 
_ndb_struct_na_base_pair_step.i_auth_seq_id_2 
_ndb_struct_na_base_pair_step.i_PDB_ins_code_2 
_ndb_struct_na_base_pair_step.j_auth_asym_id_2 
_ndb_struct_na_base_pair_step.j_auth_seq_id_2 
_ndb_struct_na_base_pair_step.j_PDB_ins_code_2 
1 A DC  1  1_555 B DG 11 1_555 A DG  2  1_555 B DC 10 1_555 0.047  -0.621 3.098 1.345  11.695 29.098 -3.165 0.144  2.656 22.167  
-2.549  31.342 1  AA_DC1DG2:DC21DG22_BB   A 1  ? B 22 ? A 2  ? B 21 ? 
1 A DG  2  1_555 B DC 10 1_555 A DG  3  1_555 B DC 9  1_555 -0.039 -0.637 3.301 -3.411 4.403  32.846 -1.844 -0.499 3.179 7.718   
5.979   33.302 2  AA_DG2DG3:DC20DC21_BB   A 2  ? B 21 ? A 3  ? B 20 ? 
1 A DG  3  1_555 B DC 9  1_555 A DA  4  1_555 B DT 8  1_555 0.353  -0.829 3.262 -6.529 0.138  33.315 -1.443 -1.639 3.135 0.238   
11.254  33.931 3  AA_DG3DA4:DT19DC20_BB   A 3  ? B 20 ? A 4  ? B 19 ? 
1 A DA  4  1_555 B DT 8  1_555 A DC  5  1_555 B DG 7  1_555 -0.021 -1.079 3.180 4.330  1.862  32.073 -2.249 0.771  3.085 3.348   
-7.784  32.409 4  AA_DA4DC5:DG18DT19_BB   A 4  ? B 19 ? A 5  ? B 18 ? 
1 A DC  5  1_555 B DG 7  1_555 A ABR 6  1_555 B DT 6  1_555 -0.532 -0.755 2.745 6.820  3.705  30.234 -1.974 2.040  2.462 6.960   
-12.812 31.192 5  AA_DC5ABR6:DT17DG18_BB  A 5  ? B 18 ? A 6  ? B 17 ? 
1 A ABR 6  1_555 B DT 6  1_555 A DA  7  1_555 B DT 5  1_555 -0.383 0.807  3.507 -4.363 4.643  41.305 0.600  0.037  3.594 6.535   
6.141   41.772 6  AA_ABR6DA7:DT16DT17_BB  A 6  ? B 17 ? A 7  ? B 16 ? 
1 A DA  7  1_555 B DT 5  1_555 A DG  8  1_555 B DC 4  1_555 -0.687 -0.595 3.291 -2.651 5.042  33.304 -1.841 0.753  3.213 8.719   
4.584   33.775 7  AA_DA7DG8:DC15DT16_BB   A 7  ? B 16 ? A 8  ? B 15 ? 
1 A DG  8  1_555 B DC 4  1_555 A DA  9  1_555 B DT 3  1_555 0.179  -0.820 2.744 -6.287 3.729  34.795 -1.792 -1.048 2.575 6.152   
10.371  35.531 8  AA_DG8DA9:DT14DC15_BB   A 8  ? B 15 ? A 9  ? B 14 ? 
1 A DA  9  1_555 B DT 3  1_555 A DA  10 1_555 B DT 2  1_555 -0.226 -0.776 3.215 1.092  -2.710 34.935 -0.886 0.538  3.256 -4.505  
-1.814  35.053 9  AA_DA9DA10:DT13DT14_BB  A 9  ? B 14 ? A 10 ? B 13 ? 
1 A DA  10 1_555 B DT 2  1_555 A DG  11 1_555 B DC 1  1_555 -0.387 -0.692 3.486 0.539  -5.343 30.003 -0.161 0.854  3.545 -10.217 
-1.031  30.469 10 AA_DA10DG11:DC12DT13_BB A 10 ? B 13 ? A 11 ? B 12 ? 
# 
_pdbx_nmr_spectrometer.spectrometer_id   1 
_pdbx_nmr_spectrometer.type              ? 
_pdbx_nmr_spectrometer.manufacturer      Bruker 
_pdbx_nmr_spectrometer.model             DRX 
_pdbx_nmr_spectrometer.field_strength    500 
# 
_atom_sites.entry_id                    1K5E 
_atom_sites.fract_transf_matrix[1][1]   1.000000 
_atom_sites.fract_transf_matrix[1][2]   0.000000 
_atom_sites.fract_transf_matrix[1][3]   0.000000 
_atom_sites.fract_transf_matrix[2][1]   0.000000 
_atom_sites.fract_transf_matrix[2][2]   1.000000 
_atom_sites.fract_transf_matrix[2][3]   0.000000 
_atom_sites.fract_transf_matrix[3][1]   0.000000 
_atom_sites.fract_transf_matrix[3][2]   0.000000 
_atom_sites.fract_transf_matrix[3][3]   1.000000 
_atom_sites.fract_transf_vector[1]      0.00000 
_atom_sites.fract_transf_vector[2]      0.00000 
_atom_sites.fract_transf_vector[3]      0.00000 
# 
loop_
_atom_type.symbol 
C 
H 
N 
O 
P 
# 
loop_
_atom_site.group_PDB 
_atom_site.id 
_atom_site.type_symbol 
_atom_site.label_atom_id 
_atom_site.label_alt_id 
_atom_site.label_comp_id 
_atom_site.label_asym_id 
_atom_site.label_entity_id 
_atom_site.label_seq_id 
_atom_site.pdbx_PDB_ins_code 
_atom_site.Cartn_x 
_atom_site.Cartn_y 
_atom_site.Cartn_z 
_atom_site.occupancy 
_atom_site.B_iso_or_equiv 
_atom_site.pdbx_formal_charge 
_atom_site.auth_seq_id 
_atom_site.auth_comp_id 
_atom_site.auth_asym_id 
_atom_site.auth_atom_id 
_atom_site.pdbx_PDB_model_num 
ATOM   1   O "O5'"  . DC  A 1 1  ? -9.646  -4.831  -16.369 1.00 1.72 ? 1  DC  A "O5'"  1 
ATOM   2   C "C5'"  . DC  A 1 1  ? -10.937 -5.376  -16.657 1.00 1.84 ? 1  DC  A "C5'"  1 
ATOM   3   C "C4'"  . DC  A 1 1  ? -11.483 -6.176  -15.479 1.00 1.70 ? 1  DC  A "C4'"  1 
ATOM   4   O "O4'"  . DC  A 1 1  ? -10.613 -7.292  -15.157 1.00 1.52 ? 1  DC  A "O4'"  1 
ATOM   5   C "C3'"  . DC  A 1 1  ? -11.571 -5.316  -14.234 1.00 1.63 ? 1  DC  A "C3'"  1 
ATOM   6   O "O3'"  . DC  A 1 1  ? -12.735 -5.637  -13.465 1.00 1.62 ? 1  DC  A "O3'"  1 
ATOM   7   C "C2'"  . DC  A 1 1  ? -10.309 -5.633  -13.488 1.00 1.42 ? 1  DC  A "C2'"  1 
ATOM   8   C "C1'"  . DC  A 1 1  ? -9.975  -7.059  -13.875 1.00 1.33 ? 1  DC  A "C1'"  1 
ATOM   9   N N1     . DC  A 1 1  ? -8.516  -7.253  -13.971 1.00 1.21 ? 1  DC  A N1     1 
ATOM   10  C C2     . DC  A 1 1  ? -7.983  -8.403  -13.410 1.00 1.04 ? 1  DC  A C2     1 
ATOM   11  O O2     . DC  A 1 1  ? -8.718  -9.217  -12.854 1.00 0.99 ? 1  DC  A O2     1 
ATOM   12  N N3     . DC  A 1 1  ? -6.638  -8.598  -13.494 1.00 0.94 ? 1  DC  A N3     1 
ATOM   13  C C4     . DC  A 1 1  ? -5.849  -7.703  -14.103 1.00 0.99 ? 1  DC  A C4     1 
ATOM   14  N N4     . DC  A 1 1  ? -4.536  -7.926  -14.167 1.00 0.90 ? 1  DC  A N4     1 
ATOM   15  C C5     . DC  A 1 1  ? -6.395  -6.516  -14.683 1.00 1.16 ? 1  DC  A C5     1 
ATOM   16  C C6     . DC  A 1 1  ? -7.727  -6.332  -14.595 1.00 1.27 ? 1  DC  A C6     1 
ATOM   17  H "H5'"  . DC  A 1 1  ? -10.861 -6.030  -17.526 1.00 1.92 ? 1  DC  A "H5'"  1 
ATOM   18  H "H5''" . DC  A 1 1  ? -11.626 -4.562  -16.883 1.00 1.97 ? 1  DC  A "H5''" 1 
ATOM   19  H "H4'"  . DC  A 1 1  ? -12.473 -6.556  -15.726 1.00 1.78 ? 1  DC  A "H4'"  1 
ATOM   20  H "H3'"  . DC  A 1 1  ? -11.577 -4.260  -14.513 1.00 1.74 ? 1  DC  A "H3'"  1 
ATOM   21  H "H2'"  . DC  A 1 1  ? -9.510  -4.958  -13.792 1.00 1.43 ? 1  DC  A "H2'"  1 
ATOM   22  H "H2''" . DC  A 1 1  ? -10.474 -5.562  -12.414 1.00 1.33 ? 1  DC  A "H2''" 1 
ATOM   23  H "H1'"  . DC  A 1 1  ? -10.385 -7.745  -13.133 1.00 1.23 ? 1  DC  A "H1'"  1 
ATOM   24  H H41    . DC  A 1 1  ? -4.144  -8.762  -13.759 1.00 0.81 ? 1  DC  A H41    1 
ATOM   25  H H42    . DC  A 1 1  ? -3.932  -7.257  -14.624 1.00 0.93 ? 1  DC  A H42    1 
ATOM   26  H H5     . DC  A 1 1  ? -5.757  -5.785  -15.180 1.00 1.21 ? 1  DC  A H5     1 
ATOM   27  H H6     . DC  A 1 1  ? -8.179  -5.440  -15.026 1.00 1.42 ? 1  DC  A H6     1 
ATOM   28  H "HO5'" . DC  A 1 1  ? -9.021  -5.249  -16.965 1.00 1.62 ? 1  DC  A "HO5'" 1 
ATOM   29  P P      . DG  A 1 2  ? -12.832 -5.218  -11.915 1.00 1.53 ? 2  DG  A P      1 
ATOM   30  O OP1    . DG  A 1 2  ? -14.246 -5.327  -11.492 1.00 2.28 ? 2  DG  A OP1    1 
ATOM   31  O OP2    . DG  A 1 2  ? -12.102 -3.943  -11.731 1.00 1.75 ? 2  DG  A OP2    1 
ATOM   32  O "O5'"  . DG  A 1 2  ? -11.997 -6.387  -11.190 1.00 1.31 ? 2  DG  A "O5'"  1 
ATOM   33  C "C5'"  . DG  A 1 2  ? -12.646 -7.586  -10.760 1.00 1.22 ? 2  DG  A "C5'"  1 
ATOM   34  C "C4'"  . DG  A 1 2  ? -11.879 -8.247  -9.626  1.00 1.02 ? 2  DG  A "C4'"  1 
ATOM   35  O "O4'"  . DG  A 1 2  ? -10.585 -8.696  -10.083 1.00 0.91 ? 2  DG  A "O4'"  1 
ATOM   36  C "C3'"  . DG  A 1 2  ? -11.656 -7.256  -8.495  1.00 1.03 ? 2  DG  A "C3'"  1 
ATOM   37  O "O3'"  . DG  A 1 2  ? -12.231 -7.735  -7.274  1.00 0.98 ? 2  DG  A "O3'"  1 
ATOM   38  C "C2'"  . DG  A 1 2  ? -10.160 -7.121  -8.373  1.00 0.90 ? 2  DG  A "C2'"  1 
ATOM   39  C "C1'"  . DG  A 1 2  ? -9.582  -8.294  -9.134  1.00 0.78 ? 2  DG  A "C1'"  1 
ATOM   40  N N9     . DG  A 1 2  ? -8.338  -7.911  -9.818  1.00 0.74 ? 2  DG  A N9     1 
ATOM   41  C C8     . DG  A 1 2  ? -8.097  -6.858  -10.630 1.00 0.86 ? 2  DG  A C8     1 
ATOM   42  N N7     . DG  A 1 2  ? -6.905  -6.739  -11.117 1.00 0.79 ? 2  DG  A N7     1 
ATOM   43  C C5     . DG  A 1 2  ? -6.260  -7.849  -10.563 1.00 0.61 ? 2  DG  A C5     1 
ATOM   44  C C6     . DG  A 1 2  ? -4.917  -8.293  -10.707 1.00 0.48 ? 2  DG  A C6     1 
ATOM   45  O O6     . DG  A 1 2  ? -4.011  -7.786  -11.367 1.00 0.49 ? 2  DG  A O6     1 
ATOM   46  N N1     . DG  A 1 2  ? -4.682  -9.454  -9.979  1.00 0.33 ? 2  DG  A N1     1 
ATOM   47  C C2     . DG  A 1 2  ? -5.620  -10.111 -9.206  1.00 0.30 ? 2  DG  A C2     1 
ATOM   48  N N2     . DG  A 1 2  ? -5.205  -11.212 -8.581  1.00 0.19 ? 2  DG  A N2     1 
ATOM   49  N N3     . DG  A 1 2  ? -6.882  -9.701  -9.065  1.00 0.42 ? 2  DG  A N3     1 
ATOM   50  C C4     . DG  A 1 2  ? -7.134  -8.572  -9.764  1.00 0.58 ? 2  DG  A C4     1 
ATOM   51  H "H5'"  . DG  A 1 2  ? -12.708 -8.279  -11.598 1.00 1.25 ? 2  DG  A "H5'"  1 
ATOM   52  H "H5''" . DG  A 1 2  ? -13.653 -7.344  -10.419 1.00 1.30 ? 2  DG  A "H5''" 1 
ATOM   53  H "H4'"  . DG  A 1 2  ? -12.444 -9.093  -9.256  1.00 0.98 ? 2  DG  A "H4'"  1 
ATOM   54  H "H3'"  . DG  A 1 2  ? -12.092 -6.296  -8.764  1.00 1.17 ? 2  DG  A "H3'"  1 
ATOM   55  H "H2'"  . DG  A 1 2  ? -9.829  -6.184  -8.820  1.00 0.99 ? 2  DG  A "H2'"  1 
ATOM   56  H "H2''" . DG  A 1 2  ? -9.860  -7.165  -7.331  1.00 0.84 ? 2  DG  A "H2''" 1 
ATOM   57  H "H1'"  . DG  A 1 2  ? -9.381  -9.113  -8.443  1.00 0.65 ? 2  DG  A "H1'"  1 
ATOM   58  H H8     . DG  A 1 2  ? -8.883  -6.139  -10.864 1.00 1.01 ? 2  DG  A H8     1 
ATOM   59  H H1     . DG  A 1 2  ? -3.747  -9.831  -10.035 1.00 0.27 ? 2  DG  A H1     1 
ATOM   60  H H21    . DG  A 1 2  ? -4.251  -11.524 -8.687  1.00 0.20 ? 2  DG  A H21    1 
ATOM   61  H H22    . DG  A 1 2  ? -5.846  -11.734 -8.001  1.00 0.17 ? 2  DG  A H22    1 
ATOM   62  P P      . DG  A 1 3  ? -11.602 -7.316  -5.853  1.00 0.94 ? 3  DG  A P      1 
ATOM   63  O OP1    . DG  A 1 3  ? -12.526 -7.767  -4.787  1.00 1.55 ? 3  DG  A OP1    1 
ATOM   64  O OP2    . DG  A 1 3  ? -11.201 -5.893  -5.926  1.00 1.72 ? 3  DG  A OP2    1 
ATOM   65  O "O5'"  . DG  A 1 3  ? -10.268 -8.213  -5.779  1.00 0.73 ? 3  DG  A "O5'"  1 
ATOM   66  C "C5'"  . DG  A 1 3  ? -10.352 -9.622  -5.547  1.00 0.62 ? 3  DG  A "C5'"  1 
ATOM   67  C "C4'"  . DG  A 1 3  ? -9.077  -10.161 -4.908  1.00 0.49 ? 3  DG  A "C4'"  1 
ATOM   68  O "O4'"  . DG  A 1 3  ? -7.957  -10.043 -5.819  1.00 0.40 ? 3  DG  A "O4'"  1 
ATOM   69  C "C3'"  . DG  A 1 3  ? -8.740  -9.378  -3.645  1.00 0.59 ? 3  DG  A "C3'"  1 
ATOM   70  O "O3'"  . DG  A 1 3  ? -8.584  -10.260 -2.527  1.00 0.57 ? 3  DG  A "O3'"  1 
ATOM   71  C "C2'"  . DG  A 1 3  ? -7.454  -8.662  -3.960  1.00 0.57 ? 3  DG  A "C2'"  1 
ATOM   72  C "C1'"  . DG  A 1 3  ? -6.864  -9.378  -5.156  1.00 0.41 ? 3  DG  A "C1'"  1 
ATOM   73  N N9     . DG  A 1 3  ? -6.194  -8.431  -6.060  1.00 0.42 ? 3  DG  A N9     1 
ATOM   74  C C8     . DG  A 1 3  ? -6.693  -7.338  -6.678  1.00 0.54 ? 3  DG  A C8     1 
ATOM   75  N N7     . DG  A 1 3  ? -5.895  -6.661  -7.437  1.00 0.53 ? 3  DG  A N7     1 
ATOM   76  C C5     . DG  A 1 3  ? -4.706  -7.388  -7.316  1.00 0.37 ? 3  DG  A C5     1 
ATOM   77  C C6     . DG  A 1 3  ? -3.435  -7.163  -7.911  1.00 0.29 ? 3  DG  A C6     1 
ATOM   78  O O6     . DG  A 1 3  ? -3.098  -6.262  -8.676  1.00 0.33 ? 3  DG  A O6     1 
ATOM   79  N N1     . DG  A 1 3  ? -2.514  -8.129  -7.525  1.00 0.18 ? 3  DG  A N1     1 
ATOM   80  C C2     . DG  A 1 3  ? -2.777  -9.183  -6.671  1.00 0.19 ? 3  DG  A C2     1 
ATOM   81  N N2     . DG  A 1 3  ? -1.762  -10.009 -6.421  1.00 0.24 ? 3  DG  A N2     1 
ATOM   82  N N3     . DG  A 1 3  ? -3.969  -9.402  -6.111  1.00 0.23 ? 3  DG  A N3     1 
ATOM   83  C C4     . DG  A 1 3  ? -4.882  -8.474  -6.472  1.00 0.32 ? 3  DG  A C4     1 
ATOM   84  H "H5'"  . DG  A 1 3  ? -10.517 -10.129 -6.497  1.00 0.60 ? 3  DG  A "H5'"  1 
ATOM   85  H "H5''" . DG  A 1 3  ? -11.194 -9.824  -4.885  1.00 0.67 ? 3  DG  A "H5''" 1 
ATOM   86  H "H4'"  . DG  A 1 3  ? -9.220  -11.211 -4.652  1.00 0.42 ? 3  DG  A "H4'"  1 
ATOM   87  H "H3'"  . DG  A 1 3  ? -9.528  -8.649  -3.444  1.00 0.70 ? 3  DG  A "H3'"  1 
ATOM   88  H "H2'"  . DG  A 1 3  ? -7.657  -7.620  -4.210  1.00 0.66 ? 3  DG  A "H2'"  1 
ATOM   89  H "H2''" . DG  A 1 3  ? -6.773  -8.717  -3.117  1.00 0.59 ? 3  DG  A "H2''" 1 
ATOM   90  H "H1'"  . DG  A 1 3  ? -6.143  -10.118 -4.816  1.00 0.33 ? 3  DG  A "H1'"  1 
ATOM   91  H H8     . DG  A 1 3  ? -7.728  -7.040  -6.535  1.00 0.65 ? 3  DG  A H8     1 
ATOM   92  H H1     . DG  A 1 3  ? -1.584  -8.033  -7.909  1.00 0.14 ? 3  DG  A H1     1 
ATOM   93  H H21    . DG  A 1 3  ? -0.860  -9.845  -6.845  1.00 0.27 ? 3  DG  A H21    1 
ATOM   94  H H22    . DG  A 1 3  ? -1.894  -10.800 -5.806  1.00 0.30 ? 3  DG  A H22    1 
ATOM   95  P P      . DA  A 1 4  ? -7.869  -9.759  -1.174  1.00 0.73 ? 4  DA  A P      1 
ATOM   96  O OP1    . DA  A 1 4  ? -8.071  -10.790 -0.133  1.00 1.01 ? 4  DA  A OP1    1 
ATOM   97  O OP2    . DA  A 1 4  ? -8.285  -8.361  -0.920  1.00 1.92 ? 4  DA  A OP2    1 
ATOM   98  O "O5'"  . DA  A 1 4  ? -6.313  -9.754  -1.581  1.00 0.61 ? 4  DA  A "O5'"  1 
ATOM   99  C "C5'"  . DA  A 1 4  ? -5.600  -10.980 -1.760  1.00 0.59 ? 4  DA  A "C5'"  1 
ATOM   100 C "C4'"  . DA  A 1 4  ? -4.103  -10.729 -1.880  1.00 0.58 ? 4  DA  A "C4'"  1 
ATOM   101 O "O4'"  . DA  A 1 4  ? -3.819  -9.939  -3.049  1.00 0.53 ? 4  DA  A "O4'"  1 
ATOM   102 C "C3'"  . DA  A 1 4  ? -3.610  -9.936  -0.675  1.00 0.61 ? 4  DA  A "C3'"  1 
ATOM   103 O "O3'"  . DA  A 1 4  ? -2.705  -10.719 0.109   1.00 0.64 ? 4  DA  A "O3'"  1 
ATOM   104 C "C2'"  . DA  A 1 4  ? -2.933  -8.714  -1.260  1.00 0.58 ? 4  DA  A "C2'"  1 
ATOM   105 C "C1'"  . DA  A 1 4  ? -2.760  -9.024  -2.729  1.00 0.53 ? 4  DA  A "C1'"  1 
ATOM   106 N N9     . DA  A 1 4  ? -2.892  -7.800  -3.538  1.00 0.50 ? 4  DA  A N9     1 
ATOM   107 C C8     . DA  A 1 4  ? -4.000  -7.067  -3.783  1.00 0.50 ? 4  DA  A C8     1 
ATOM   108 N N7     . DA  A 1 4  ? -3.873  -6.023  -4.533  1.00 0.48 ? 4  DA  A N7     1 
ATOM   109 C C5     . DA  A 1 4  ? -2.508  -6.056  -4.831  1.00 0.46 ? 4  DA  A C5     1 
ATOM   110 C C6     . DA  A 1 4  ? -1.687  -5.223  -5.598  1.00 0.43 ? 4  DA  A C6     1 
ATOM   111 N N6     . DA  A 1 4  ? -2.139  -4.143  -6.237  1.00 0.42 ? 4  DA  A N6     1 
ATOM   112 N N1     . DA  A 1 4  ? -0.385  -5.543  -5.681  1.00 0.43 ? 4  DA  A N1     1 
ATOM   113 C C2     . DA  A 1 4  ? 0.088   -6.620  -5.049  1.00 0.45 ? 4  DA  A C2     1 
ATOM   114 N N3     . DA  A 1 4  ? -0.599  -7.478  -4.297  1.00 0.47 ? 4  DA  A N3     1 
ATOM   115 C C4     . DA  A 1 4  ? -1.901  -7.135  -4.228  1.00 0.48 ? 4  DA  A C4     1 
ATOM   116 H "H5'"  . DA  A 1 4  ? -5.952  -11.468 -2.666  1.00 0.56 ? 4  DA  A "H5'"  1 
ATOM   117 H "H5''" . DA  A 1 4  ? -5.787  -11.632 -0.907  1.00 0.63 ? 4  DA  A "H5''" 1 
ATOM   118 H "H4'"  . DA  A 1 4  ? -3.572  -11.679 -1.942  1.00 0.57 ? 4  DA  A "H4'"  1 
ATOM   119 H "H3'"  . DA  A 1 4  ? -4.464  -9.626  -0.069  1.00 0.64 ? 4  DA  A "H3'"  1 
ATOM   120 H "H2'"  . DA  A 1 4  ? -3.569  -7.835  -1.137  1.00 0.58 ? 4  DA  A "H2'"  1 
ATOM   121 H "H2''" . DA  A 1 4  ? -1.963  -8.553  -0.787  1.00 0.59 ? 4  DA  A "H2''" 1 
ATOM   122 H "H1'"  . DA  A 1 4  ? -1.791  -9.489  -2.907  1.00 0.52 ? 4  DA  A "H1'"  1 
ATOM   123 H H8     . DA  A 1 4  ? -4.964  -7.351  -3.360  1.00 0.52 ? 4  DA  A H8     1 
ATOM   124 H H61    . DA  A 1 4  ? -1.504  -3.574  -6.781  1.00 0.40 ? 4  DA  A H61    1 
ATOM   125 H H62    . DA  A 1 4  ? -3.116  -3.895  -6.180  1.00 0.43 ? 4  DA  A H62    1 
ATOM   126 H H2     . DA  A 1 4  ? 1.155   -6.817  -5.163  1.00 0.45 ? 4  DA  A H2     1 
ATOM   127 P P      . DC  A 1 5  ? -1.843  -10.043 1.283   1.00 0.64 ? 5  DC  A P      1 
ATOM   128 O OP1    . DC  A 1 5  ? -1.231  -11.121 2.093   1.00 1.86 ? 5  DC  A OP1    1 
ATOM   129 O OP2    . DC  A 1 5  ? -2.677  -9.009  1.937   1.00 0.80 ? 5  DC  A OP2    1 
ATOM   130 O "O5'"  . DC  A 1 5  ? -0.677  -9.304  0.464   1.00 0.63 ? 5  DC  A "O5'"  1 
ATOM   131 C "C5'"  . DC  A 1 5  ? 0.559   -9.966  0.198   1.00 0.63 ? 5  DC  A "C5'"  1 
ATOM   132 C "C4'"  . DC  A 1 5  ? 1.666   -8.956  -0.067  1.00 0.58 ? 5  DC  A "C4'"  1 
ATOM   133 O "O4'"  . DC  A 1 5  ? 1.302   -8.101  -1.177  1.00 0.56 ? 5  DC  A "O4'"  1 
ATOM   134 C "C3'"  . DC  A 1 5  ? 1.836   -8.048  1.152   1.00 0.54 ? 5  DC  A "C3'"  1 
ATOM   135 O "O3'"  . DC  A 1 5  ? 3.166   -8.159  1.676   1.00 0.52 ? 5  DC  A "O3'"  1 
ATOM   136 C "C2'"  . DC  A 1 5  ? 1.556   -6.643  0.638   1.00 0.51 ? 5  DC  A "C2'"  1 
ATOM   137 C "C1'"  . DC  A 1 5  ? 1.682   -6.749  -0.860  1.00 0.52 ? 5  DC  A "C1'"  1 
ATOM   138 N N1     . DC  A 1 5  ? 0.781   -5.790  -1.506  1.00 0.51 ? 5  DC  A N1     1 
ATOM   139 C C2     . DC  A 1 5  ? 1.326   -4.911  -2.420  1.00 0.49 ? 5  DC  A C2     1 
ATOM   140 O O2     . DC  A 1 5  ? 2.528   -4.951  -2.670  1.00 0.48 ? 5  DC  A O2     1 
ATOM   141 N N3     . DC  A 1 5  ? 0.499   -4.012  -3.025  1.00 0.48 ? 5  DC  A N3     1 
ATOM   142 C C4     . DC  A 1 5  ? -0.810  -3.985  -2.738  1.00 0.49 ? 5  DC  A C4     1 
ATOM   143 N N4     . DC  A 1 5  ? -1.593  -3.092  -3.351  1.00 0.49 ? 5  DC  A N4     1 
ATOM   144 C C5     . DC  A 1 5  ? -1.375  -4.899  -1.786  1.00 0.51 ? 5  DC  A C5     1 
ATOM   145 C C6     . DC  A 1 5  ? -0.539  -5.781  -1.197  1.00 0.52 ? 5  DC  A C6     1 
ATOM   146 H "H5'"  . DC  A 1 5  ? 0.442   -10.609 -0.676  1.00 0.69 ? 5  DC  A "H5'"  1 
ATOM   147 H "H5''" . DC  A 1 5  ? 0.831   -10.578 1.059   1.00 0.62 ? 5  DC  A "H5''" 1 
ATOM   148 H "H4'"  . DC  A 1 5  ? 2.597   -9.484  -0.283  1.00 0.59 ? 5  DC  A "H4'"  1 
ATOM   149 H "H3'"  . DC  A 1 5  ? 1.104   -8.325  1.920   1.00 0.55 ? 5  DC  A "H3'"  1 
ATOM   150 H "H2'"  . DC  A 1 5  ? 0.545   -6.323  0.906   1.00 0.51 ? 5  DC  A "H2'"  1 
ATOM   151 H "H2''" . DC  A 1 5  ? 2.282   -5.943  1.026   1.00 0.47 ? 5  DC  A "H2''" 1 
ATOM   152 H "H1'"  . DC  A 1 5  ? 2.709   -6.549  -1.173  1.00 0.50 ? 5  DC  A "H1'"  1 
ATOM   153 H H41    . DC  A 1 5  ? -1.198  -2.448  -4.021  1.00 0.48 ? 5  DC  A H41    1 
ATOM   154 H H42    . DC  A 1 5  ? -2.582  -3.062  -3.144  1.00 0.50 ? 5  DC  A H42    1 
ATOM   155 H H5     . DC  A 1 5  ? -2.440  -4.882  -1.549  1.00 0.53 ? 5  DC  A H5     1 
ATOM   156 H H6     . DC  A 1 5  ? -0.918  -6.494  -0.461  1.00 0.53 ? 5  DC  A H6     1 
HETATM 157 P P      . ABR A 1 6  ? 3.818   -6.973  2.548   1.00 0.47 ? 6  ABR A P      1 
HETATM 158 O OP1    . ABR A 1 6  ? 4.839   -7.564  3.443   1.00 1.73 ? 6  ABR A OP1    1 
HETATM 159 O OP2    . ABR A 1 6  ? 2.725   -6.153  3.116   1.00 0.84 ? 6  ABR A OP2    1 
HETATM 160 O "O5'"  . ABR A 1 6  ? 4.580   -6.094  1.432   1.00 0.48 ? 6  ABR A "O5'"  1 
HETATM 161 C "C5'"  . ABR A 1 6  ? 5.785   -6.581  0.834   1.00 0.48 ? 6  ABR A "C5'"  1 
HETATM 162 C "C4'"  . ABR A 1 6  ? 6.563   -5.470  0.137   1.00 0.46 ? 6  ABR A "C4'"  1 
HETATM 163 O "O4'"  . ABR A 1 6  ? 5.736   -4.799  -0.845  1.00 0.45 ? 6  ABR A "O4'"  1 
HETATM 164 C "C1'"  . ABR A 1 6  ? 5.725   -3.383  -0.579  1.00 0.40 ? 6  ABR A "C1'"  1 
HETATM 165 N N9     . ABR A 1 6  ? 4.375   -2.823  -0.741  1.00 0.39 ? 6  ABR A N9     1 
HETATM 166 C C4     . ABR A 1 6  ? 3.945   -1.997  -1.754  1.00 0.39 ? 6  ABR A C4     1 
HETATM 167 N N3     . ABR A 1 6  ? 4.692   -1.559  -2.786  1.00 0.40 ? 6  ABR A N3     1 
HETATM 168 C C2     . ABR A 1 6  ? 3.996   -0.778  -3.599  1.00 0.40 ? 6  ABR A C2     1 
HETATM 169 N N1     . ABR A 1 6  ? 2.721   -0.424  -3.479  1.00 0.40 ? 6  ABR A N1     1 
HETATM 170 C C6     . ABR A 1 6  ? 1.967   -0.873  -2.425  1.00 0.39 ? 6  ABR A C6     1 
HETATM 171 N N6     . ABR A 1 6  ? 0.663   -0.491  -2.319  1.00 0.40 ? 6  ABR A N6     1 
HETATM 172 C CA     . ABR A 1 6  ? 0.000   0.000   0.000   1.00 0.33 ? 6  ABR A CA     1 
HETATM 173 O OA     . ABR A 1 6  ? 1.381   0.104   0.312   1.00 0.29 ? 6  ABR A OA     1 
HETATM 174 C CB     . ABR A 1 6  ? -0.181  -0.942  -1.181  1.00 0.39 ? 6  ABR A CB     1 
HETATM 175 C CS6    . ABR A 1 6  ? -0.749  -0.543  1.191   1.00 0.32 ? 6  ABR A CS6    1 
HETATM 176 C CS1    . ABR A 1 6  ? -0.368  -1.764  1.757   1.00 0.33 ? 6  ABR A CS1    1 
HETATM 177 C CS5    . ABR A 1 6  ? -1.825  0.174   1.730   1.00 0.32 ? 6  ABR A CS5    1 
HETATM 178 C CS2    . ABR A 1 6  ? -1.061  -2.271  2.863   1.00 0.32 ? 6  ABR A CS2    1 
HETATM 179 C CS4    . ABR A 1 6  ? -2.520  -0.334  2.835   1.00 0.33 ? 6  ABR A CS4    1 
HETATM 180 C CS3    . ABR A 1 6  ? -2.137  -1.556  3.401   1.00 0.32 ? 6  ABR A CS3    1 
HETATM 181 C C5     . ABR A 1 6  ? 2.618   -1.716  -1.497  1.00 0.38 ? 6  ABR A C5     1 
HETATM 182 N N7     . ABR A 1 6  ? 2.199   -2.362  -0.322  1.00 0.38 ? 6  ABR A N7     1 
HETATM 183 C C8     . ABR A 1 6  ? 3.287   -2.976  0.041   1.00 0.38 ? 6  ABR A C8     1 
HETATM 184 C "C2'"  . ABR A 1 6  ? 6.219   -3.203  0.840   1.00 0.38 ? 6  ABR A "C2'"  1 
HETATM 185 C "C3'"  . ABR A 1 6  ? 7.022   -4.433  1.149   1.00 0.41 ? 6  ABR A "C3'"  1 
HETATM 186 O "O3'"  . ABR A 1 6  ? 8.424   -4.176  1.016   1.00 0.42 ? 6  ABR A "O3'"  1 
HETATM 187 H "H5'"  . ABR A 1 6  ? 5.532   -7.344  0.105   1.00 0.49 ? 6  ABR A "H5'"  1 
HETATM 188 H "H5''" . ABR A 1 6  ? 6.412   -7.021  1.608   1.00 0.49 ? 6  ABR A "H5''" 1 
HETATM 189 H "H4'"  . ABR A 1 6  ? 7.432   -5.900  -0.359  1.00 0.48 ? 6  ABR A "H4'"  1 
HETATM 190 H "H1'"  . ABR A 1 6  ? 6.409   -2.877  -1.261  1.00 0.40 ? 6  ABR A "H1'"  1 
HETATM 191 H H2     . ABR A 1 6  ? 4.528   -0.383  -4.465  1.00 0.41 ? 6  ABR A H2     1 
HETATM 192 H H6     . ABR A 1 6  ? 0.264   0.114   -3.022  1.00 0.41 ? 6  ABR A H6     1 
HETATM 193 H HA     . ABR A 1 6  ? -0.386  0.964   -0.257  1.00 0.32 ? 6  ABR A HA     1 
HETATM 194 H HOA    . ABR A 1 6  ? 1.796   -0.732  0.081   1.00 0.31 ? 6  ABR A HOA    1 
HETATM 195 H HB1    . ABR A 1 6  ? 0.104   -1.919  -0.887  1.00 0.40 ? 6  ABR A HB1    1 
HETATM 196 H HB2    . ABR A 1 6  ? -1.215  -0.950  -1.486  1.00 0.42 ? 6  ABR A HB2    1 
HETATM 197 H HS1    . ABR A 1 6  ? 0.461   -2.316  1.341   1.00 0.34 ? 6  ABR A HS1    1 
HETATM 198 H HS5    . ABR A 1 6  ? -2.120  1.116   1.293   1.00 0.33 ? 6  ABR A HS5    1 
HETATM 199 H HS2    . ABR A 1 6  ? -0.766  -3.215  3.299   1.00 0.33 ? 6  ABR A HS2    1 
HETATM 200 H HS4    . ABR A 1 6  ? -3.350  0.218   3.252   1.00 0.34 ? 6  ABR A HS4    1 
HETATM 201 H HS3    . ABR A 1 6  ? -2.672  -1.947  4.254   1.00 0.32 ? 6  ABR A HS3    1 
HETATM 202 H H8     . ABR A 1 6  ? 3.329   -3.599  0.944   1.00 0.38 ? 6  ABR A H8     1 
HETATM 203 H "H2'"  . ABR A 1 6  ? 5.376   -3.127  1.526   1.00 0.36 ? 6  ABR A "H2'"  1 
HETATM 204 H "H2''" . ABR A 1 6  ? 6.843   -2.319  0.912   1.00 0.35 ? 6  ABR A "H2''" 1 
HETATM 205 H "H3'"  . ABR A 1 6  ? 6.794   -4.780  2.159   1.00 0.41 ? 6  ABR A "H3'"  1 
ATOM   206 P P      . DA  A 1 7  ? 9.019   -2.696  1.258   1.00 0.44 ? 7  DA  A P      1 
ATOM   207 O OP1    . DA  A 1 7  ? 10.409  -2.838  1.749   1.00 1.61 ? 7  DA  A OP1    1 
ATOM   208 O OP2    . DA  A 1 7  ? 8.029   -1.922  2.044   1.00 1.04 ? 7  DA  A OP2    1 
ATOM   209 O "O5'"  . DA  A 1 7  ? 9.068   -2.074  -0.230  1.00 0.46 ? 7  DA  A "O5'"  1 
ATOM   210 C "C5'"  . DA  A 1 7  ? 10.273  -2.130  -1.008  1.00 0.44 ? 7  DA  A "C5'"  1 
ATOM   211 C "C4'"  . DA  A 1 7  ? 10.557  -0.806  -1.722  1.00 0.40 ? 7  DA  A "C4'"  1 
ATOM   212 O "O4'"  . DA  A 1 7  ? 9.329   -0.163  -2.140  1.00 0.36 ? 7  DA  A "O4'"  1 
ATOM   213 C "C3'"  . DA  A 1 7  ? 11.263  0.163   -0.796  1.00 0.38 ? 7  DA  A "C3'"  1 
ATOM   214 O "O3'"  . DA  A 1 7  ? 12.231  0.950   -1.502  1.00 0.38 ? 7  DA  A "O3'"  1 
ATOM   215 C "C2'"  . DA  A 1 7  ? 10.166  1.027   -0.254  1.00 0.31 ? 7  DA  A "C2'"  1 
ATOM   216 C "C1'"  . DA  A 1 7  ? 9.054   0.974   -1.285  1.00 0.29 ? 7  DA  A "C1'"  1 
ATOM   217 N N9     . DA  A 1 7  ? 7.746   0.811   -0.632  1.00 0.26 ? 7  DA  A N9     1 
ATOM   218 C C8     . DA  A 1 7  ? 7.407   0.026   0.413   1.00 0.25 ? 7  DA  A C8     1 
ATOM   219 N N7     . DA  A 1 7  ? 6.175   0.044   0.801   1.00 0.23 ? 7  DA  A N7     1 
ATOM   220 C C5     . DA  A 1 7  ? 5.613   0.957   -0.097  1.00 0.22 ? 7  DA  A C5     1 
ATOM   221 C C6     . DA  A 1 7  ? 4.314   1.455   -0.257  1.00 0.20 ? 7  DA  A C6     1 
ATOM   222 N N6     . DA  A 1 7  ? 3.291   1.090   0.518   1.00 0.20 ? 7  DA  A N6     1 
ATOM   223 N N1     . DA  A 1 7  ? 4.112   2.342   -1.246  1.00 0.21 ? 7  DA  A N1     1 
ATOM   224 C C2     . DA  A 1 7  ? 5.122   2.722   -2.035  1.00 0.21 ? 7  DA  A C2     1 
ATOM   225 N N3     . DA  A 1 7  ? 6.385   2.316   -1.970  1.00 0.23 ? 7  DA  A N3     1 
ATOM   226 C C4     . DA  A 1 7  ? 6.564   1.428   -0.973  1.00 0.23 ? 7  DA  A C4     1 
ATOM   227 H "H5'"  . DA  A 1 7  ? 10.177  -2.921  -1.752  1.00 0.44 ? 7  DA  A "H5'"  1 
ATOM   228 H "H5''" . DA  A 1 7  ? 11.112  -2.362  -0.350  1.00 0.44 ? 7  DA  A "H5''" 1 
ATOM   229 H "H4'"  . DA  A 1 7  ? 11.183  -0.990  -2.595  1.00 0.44 ? 7  DA  A "H4'"  1 
ATOM   230 H "H3'"  . DA  A 1 7  ? 11.740  -0.387  0.016   1.00 0.40 ? 7  DA  A "H3'"  1 
ATOM   231 H "H2'"  . DA  A 1 7  ? 9.814   0.639   0.702   1.00 0.30 ? 7  DA  A "H2'"  1 
ATOM   232 H "H2''" . DA  A 1 7  ? 10.526  2.045   -0.137  1.00 0.28 ? 7  DA  A "H2''" 1 
ATOM   233 H "H1'"  . DA  A 1 7  ? 9.055   1.891   -1.876  1.00 0.27 ? 7  DA  A "H1'"  1 
ATOM   234 H H8     . DA  A 1 7  ? 8.152   -0.595  0.910   1.00 0.28 ? 7  DA  A H8     1 
ATOM   235 H H61    . DA  A 1 7  ? 2.373   1.480   0.360   1.00 0.70 ? 7  DA  A H61    1 
ATOM   236 H H62    . DA  A 1 7  ? 3.434   0.425   1.266   1.00 1.06 ? 7  DA  A H62    1 
ATOM   237 H H2     . DA  A 1 7  ? 4.886   3.447   -2.815  1.00 0.21 ? 7  DA  A H2     1 
ATOM   238 P P      . DG  A 1 8  ? 12.785  2.330   -0.876  1.00 0.37 ? 8  DG  A P      1 
ATOM   239 O OP1    . DG  A 1 8  ? 14.048  2.674   -1.567  1.00 1.23 ? 8  DG  A OP1    1 
ATOM   240 O OP2    . DG  A 1 8  ? 12.760  2.210   0.599   1.00 1.43 ? 8  DG  A OP2    1 
ATOM   241 O "O5'"  . DG  A 1 8  ? 11.665  3.405   -1.312  1.00 0.32 ? 8  DG  A "O5'"  1 
ATOM   242 C "C5'"  . DG  A 1 8  ? 11.667  3.956   -2.633  1.00 0.31 ? 8  DG  A "C5'"  1 
ATOM   243 C "C4'"  . DG  A 1 8  ? 10.776  5.192   -2.743  1.00 0.25 ? 8  DG  A "C4'"  1 
ATOM   244 O "O4'"  . DG  A 1 8  ? 9.397   4.852   -2.470  1.00 0.22 ? 8  DG  A "O4'"  1 
ATOM   245 C "C3'"  . DG  A 1 8  ? 11.202  6.266   -1.745  1.00 0.24 ? 8  DG  A "C3'"  1 
ATOM   246 O "O3'"  . DG  A 1 8  ? 11.537  7.487   -2.412  1.00 0.23 ? 8  DG  A "O3'"  1 
ATOM   247 C "C2'"  . DG  A 1 8  ? 10.016  6.454   -0.837  1.00 0.19 ? 8  DG  A "C2'"  1 
ATOM   248 C "C1'"  . DG  A 1 8  ? 8.843   5.803   -1.543  1.00 0.16 ? 8  DG  A "C1'"  1 
ATOM   249 N N9     . DG  A 1 8  ? 7.971   5.123   -0.575  1.00 0.14 ? 8  DG  A N9     1 
ATOM   250 C C8     . DG  A 1 8  ? 8.279   4.159   0.319   1.00 0.16 ? 8  DG  A C8     1 
ATOM   251 N N7     . DG  A 1 8  ? 7.331   3.707   1.065   1.00 0.13 ? 8  DG  A N7     1 
ATOM   252 C C5     . DG  A 1 8  ? 6.242   4.458   0.620   1.00 0.09 ? 8  DG  A C5     1 
ATOM   253 C C6     . DG  A 1 8  ? 4.892   4.431   1.046   1.00 0.07 ? 8  DG  A C6     1 
ATOM   254 O O6     . DG  A 1 8  ? 4.385   3.730   1.916   1.00 0.06 ? 8  DG  A O6     1 
ATOM   255 N N1     . DG  A 1 8  ? 4.118   5.343   0.344   1.00 0.08 ? 8  DG  A N1     1 
ATOM   256 C C2     . DG  A 1 8  ? 4.580   6.182   -0.649  1.00 0.08 ? 8  DG  A C2     1 
ATOM   257 N N2     . DG  A 1 8  ? 3.677   6.989   -1.206  1.00 0.10 ? 8  DG  A N2     1 
ATOM   258 N N3     . DG  A 1 8  ? 5.853   6.213   -1.059  1.00 0.08 ? 8  DG  A N3     1 
ATOM   259 C C4     . DG  A 1 8  ? 6.625   5.330   -0.386  1.00 0.10 ? 8  DG  A C4     1 
ATOM   260 H "H5'"  . DG  A 1 8  ? 11.306  3.199   -3.326  1.00 0.33 ? 8  DG  A "H5'"  1 
ATOM   261 H "H5''" . DG  A 1 8  ? 12.687  4.229   -2.902  1.00 0.33 ? 8  DG  A "H5''" 1 
ATOM   262 H "H4'"  . DG  A 1 8  ? 10.847  5.593   -3.752  1.00 0.26 ? 8  DG  A "H4'"  1 
ATOM   263 H "H3'"  . DG  A 1 8  ? 12.053  5.909   -1.165  1.00 0.28 ? 8  DG  A "H3'"  1 
ATOM   264 H "H2'"  . DG  A 1 8  ? 10.195  5.969   0.122   1.00 0.21 ? 8  DG  A "H2'"  1 
ATOM   265 H "H2''" . DG  A 1 8  ? 9.824   7.516   -0.691  1.00 0.16 ? 8  DG  A "H2''" 1 
ATOM   266 H "H1'"  . DG  A 1 8  ? 8.267   6.552   -2.086  1.00 0.13 ? 8  DG  A "H1'"  1 
ATOM   267 H H8     . DG  A 1 8  ? 9.294   3.783   0.408   1.00 0.20 ? 8  DG  A H8     1 
ATOM   268 H H1     . DG  A 1 8  ? 3.142   5.380   0.595   1.00 0.10 ? 8  DG  A H1     1 
ATOM   269 H H21    . DG  A 1 8  ? 2.717   6.966   -0.895  1.00 0.13 ? 8  DG  A H21    1 
ATOM   270 H H22    . DG  A 1 8  ? 3.954   7.626   -1.940  1.00 0.10 ? 8  DG  A H22    1 
ATOM   271 P P      . DA  A 1 9  ? 11.167  8.911   -1.755  1.00 0.21 ? 9  DA  A P      1 
ATOM   272 O OP1    . DA  A 1 9  ? 11.709  9.976   -2.628  1.00 1.19 ? 9  DA  A OP1    1 
ATOM   273 O OP2    . DA  A 1 9  ? 11.538  8.873   -0.322  1.00 1.41 ? 9  DA  A OP2    1 
ATOM   274 O "O5'"  . DA  A 1 9  ? 9.562   8.938   -1.856  1.00 0.14 ? 9  DA  A "O5'"  1 
ATOM   275 C "C5'"  . DA  A 1 9  ? 8.900   9.797   -2.790  1.00 0.06 ? 9  DA  A "C5'"  1 
ATOM   276 C "C4'"  . DA  A 1 9  ? 7.664   10.439  -2.171  1.00 0.08 ? 9  DA  A "C4'"  1 
ATOM   277 O "O4'"  . DA  A 1 9  ? 6.824   9.428   -1.576  1.00 0.07 ? 9  DA  A "O4'"  1 
ATOM   278 C "C3'"  . DA  A 1 9  ? 8.068   11.416  -1.072  1.00 0.16 ? 9  DA  A "C3'"  1 
ATOM   279 O "O3'"  . DA  A 1 9  ? 7.602   12.738  -1.365  1.00 0.23 ? 9  DA  A "O3'"  1 
ATOM   280 C "C2'"  . DA  A 1 9  ? 7.437   10.881  0.189   1.00 0.20 ? 9  DA  A "C2'"  1 
ATOM   281 C "C1'"  . DA  A 1 9  ? 6.413   9.860   -0.267  1.00 0.13 ? 9  DA  A "C1'"  1 
ATOM   282 N N9     . DA  A 1 9  ? 6.375   8.712   0.653   1.00 0.10 ? 9  DA  A N9     1 
ATOM   283 C C8     . DA  A 1 9  ? 7.353   7.824   0.958   1.00 0.11 ? 9  DA  A C8     1 
ATOM   284 N N7     . DA  A 1 9  ? 7.067   6.892   1.804   1.00 0.13 ? 9  DA  A N7     1 
ATOM   285 C C5     . DA  A 1 9  ? 5.734   7.186   2.106   1.00 0.10 ? 9  DA  A C5     1 
ATOM   286 C C6     . DA  A 1 9  ? 4.799   6.582   2.953   1.00 0.09 ? 9  DA  A C6     1 
ATOM   287 N N6     . DA  A 1 9  ? 5.077   5.505   3.690   1.00 0.12 ? 9  DA  A N6     1 
ATOM   288 N N1     . DA  A 1 9  ? 3.571   7.130   3.013   1.00 0.11 ? 9  DA  A N1     1 
ATOM   289 C C2     . DA  A 1 9  ? 3.277   8.210   2.283   1.00 0.15 ? 9  DA  A C2     1 
ATOM   290 N N3     . DA  A 1 9  ? 4.084   8.860   1.450   1.00 0.15 ? 9  DA  A N3     1 
ATOM   291 C C4     . DA  A 1 9  ? 5.306   8.292   1.409   1.00 0.11 ? 9  DA  A C4     1 
ATOM   292 H "H5'"  . DA  A 1 9  ? 8.601   9.212   -3.657  1.00 0.09 ? 9  DA  A "H5'"  1 
ATOM   293 H "H5''" . DA  A 1 9  ? 9.589   10.580  -3.106  1.00 0.08 ? 9  DA  A "H5''" 1 
ATOM   294 H "H4'"  . DA  A 1 9  ? 7.102   10.966  -2.941  1.00 0.12 ? 9  DA  A "H4'"  1 
ATOM   295 H "H3'"  . DA  A 1 9  ? 9.155   11.417  -0.965  1.00 0.19 ? 9  DA  A "H3'"  1 
ATOM   296 H "H2'"  . DA  A 1 9  ? 8.191   10.404  0.815   1.00 0.22 ? 9  DA  A "H2'"  1 
ATOM   297 H "H2''" . DA  A 1 9  ? 6.950   11.687  0.736   1.00 0.27 ? 9  DA  A "H2''" 1 
ATOM   298 H "H1'"  . DA  A 1 9  ? 5.428   10.321  -0.318  1.00 0.18 ? 9  DA  A "H1'"  1 
ATOM   299 H H8     . DA  A 1 9  ? 8.341   7.895   0.502   1.00 0.13 ? 9  DA  A H8     1 
ATOM   300 H H61    . DA  A 1 9  ? 4.368   5.105   4.287   1.00 0.11 ? 9  DA  A H61    1 
ATOM   301 H H62    . DA  A 1 9  ? 5.996   5.089   3.648   1.00 0.16 ? 9  DA  A H62    1 
ATOM   302 H H2     . DA  A 1 9  ? 2.261   8.604   2.378   1.00 0.20 ? 9  DA  A H2     1 
ATOM   303 P P      . DA  A 1 10 ? 7.240   13.762  -0.177  1.00 0.32 ? 10 DA  A P      1 
ATOM   304 O OP1    . DA  A 1 10 ? 6.889   15.067  -0.781  1.00 1.00 ? 10 DA  A OP1    1 
ATOM   305 O OP2    . DA  A 1 10 ? 8.309   13.686  0.844   1.00 1.59 ? 10 DA  A OP2    1 
ATOM   306 O "O5'"  . DA  A 1 10 ? 5.903   13.116  0.444   1.00 0.30 ? 10 DA  A "O5'"  1 
ATOM   307 C "C5'"  . DA  A 1 10 ? 4.657   13.216  -0.253  1.00 0.36 ? 10 DA  A "C5'"  1 
ATOM   308 C "C4'"  . DA  A 1 10 ? 3.525   13.602  0.691   1.00 0.46 ? 10 DA  A "C4'"  1 
ATOM   309 O "O4'"  . DA  A 1 10 ? 3.107   12.463  1.478   1.00 0.42 ? 10 DA  A "O4'"  1 
ATOM   310 C "C3'"  . DA  A 1 10 ? 3.990   14.692  1.644   1.00 0.54 ? 10 DA  A "C3'"  1 
ATOM   311 O "O3'"  . DA  A 1 10 ? 3.090   15.805  1.624   1.00 0.65 ? 10 DA  A "O3'"  1 
ATOM   312 C "C2'"  . DA  A 1 10 ? 4.032   14.050  3.004   1.00 0.54 ? 10 DA  A "C2'"  1 
ATOM   313 C "C1'"  . DA  A 1 10 ? 3.311   12.721  2.884   1.00 0.48 ? 10 DA  A "C1'"  1 
ATOM   314 N N9     . DA  A 1 10 ? 4.113   11.652  3.498   1.00 0.40 ? 10 DA  A N9     1 
ATOM   315 C C8     . DA  A 1 10 ? 5.434   11.402  3.372   1.00 0.36 ? 10 DA  A C8     1 
ATOM   316 N N7     . DA  A 1 10 ? 5.918   10.396  4.021   1.00 0.33 ? 10 DA  A N7     1 
ATOM   317 C C5     . DA  A 1 10 ? 4.777   9.906   4.667   1.00 0.34 ? 10 DA  A C5     1 
ATOM   318 C C6     . DA  A 1 10 ? 4.569   8.829   5.535   1.00 0.32 ? 10 DA  A C6     1 
ATOM   319 N N6     . DA  A 1 10 ? 5.543   8.007   5.926   1.00 0.32 ? 10 DA  A N6     1 
ATOM   320 N N1     . DA  A 1 10 ? 3.317   8.632   5.985   1.00 0.33 ? 10 DA  A N1     1 
ATOM   321 C C2     . DA  A 1 10 ? 2.326   9.444   5.606   1.00 0.37 ? 10 DA  A C2     1 
ATOM   322 N N3     . DA  A 1 10 ? 2.412   10.490  4.790   1.00 0.41 ? 10 DA  A N3     1 
ATOM   323 C C4     . DA  A 1 10 ? 3.674   10.667  4.352   1.00 0.38 ? 10 DA  A C4     1 
ATOM   324 H "H5'"  . DA  A 1 10 ? 4.427   12.254  -0.710  1.00 0.32 ? 10 DA  A "H5'"  1 
ATOM   325 H "H5''" . DA  A 1 10 ? 4.744   13.971  -1.033  1.00 0.38 ? 10 DA  A "H5''" 1 
ATOM   326 H "H4'"  . DA  A 1 10 ? 2.680   13.968  0.110   1.00 0.52 ? 10 DA  A "H4'"  1 
ATOM   327 H "H3'"  . DA  A 1 10 ? 4.994   15.017  1.363   1.00 0.51 ? 10 DA  A "H3'"  1 
ATOM   328 H "H2'"  . DA  A 1 10 ? 5.067   13.883  3.302   1.00 0.52 ? 10 DA  A "H2'"  1 
ATOM   329 H "H2''" . DA  A 1 10 ? 3.534   14.679  3.733   1.00 0.63 ? 10 DA  A "H2''" 1 
ATOM   330 H "H1'"  . DA  A 1 10 ? 2.347   12.783  3.387   1.00 0.54 ? 10 DA  A "H1'"  1 
ATOM   331 H H8     . DA  A 1 10 ? 6.064   12.033  2.747   1.00 0.37 ? 10 DA  A H8     1 
ATOM   332 H H61    . DA  A 1 10 ? 5.339   7.244   6.555   1.00 0.33 ? 10 DA  A H61    1 
ATOM   333 H H62    . DA  A 1 10 ? 6.487   8.148   5.592   1.00 0.34 ? 10 DA  A H62    1 
ATOM   334 H H2     . DA  A 1 10 ? 1.338   9.224   6.010   1.00 0.39 ? 10 DA  A H2     1 
ATOM   335 P P      . DG  A 1 11 ? 3.012   16.821  2.871   1.00 0.75 ? 11 DG  A P      1 
ATOM   336 O OP1    . DG  A 1 11 ? 2.202   17.991  2.464   1.00 0.74 ? 11 DG  A OP1    1 
ATOM   337 O OP2    . DG  A 1 11 ? 4.381   17.017  3.398   1.00 1.98 ? 11 DG  A OP2    1 
ATOM   338 O "O5'"  . DG  A 1 11 ? 2.171   15.980  3.954   1.00 0.78 ? 11 DG  A "O5'"  1 
ATOM   339 C "C5'"  . DG  A 1 11 ? 1.084   15.151  3.540   1.00 0.77 ? 11 DG  A "C5'"  1 
ATOM   340 C "C4'"  . DG  A 1 11 ? 0.182   14.790  4.713   1.00 0.82 ? 11 DG  A "C4'"  1 
ATOM   341 O "O4'"  . DG  A 1 11 ? 0.651   13.580  5.353   1.00 0.75 ? 11 DG  A "O4'"  1 
ATOM   342 C "C3'"  . DG  A 1 11 ? 0.199   15.907  5.746   1.00 0.92 ? 11 DG  A "C3'"  1 
ATOM   343 O "O3'"  . DG  A 1 11 ? -1.130  16.254  6.151   1.00 1.00 ? 11 DG  A "O3'"  1 
ATOM   344 C "C2'"  . DG  A 1 11 ? 0.990   15.353  6.896   1.00 0.90 ? 11 DG  A "C2'"  1 
ATOM   345 C "C1'"  . DG  A 1 11 ? 0.940   13.846  6.740   1.00 0.80 ? 11 DG  A "C1'"  1 
ATOM   346 N N9     . DG  A 1 11 ? 2.226   13.241  7.120   1.00 0.75 ? 11 DG  A N9     1 
ATOM   347 C C8     . DG  A 1 11 ? 3.481   13.614  6.779   1.00 0.74 ? 11 DG  A C8     1 
ATOM   348 N N7     . DG  A 1 11 ? 4.461   12.912  7.241   1.00 0.71 ? 11 DG  A N7     1 
ATOM   349 C C5     . DG  A 1 11 ? 3.786   11.941  7.988   1.00 0.69 ? 11 DG  A C5     1 
ATOM   350 C C6     . DG  A 1 11 ? 4.303   10.862  8.752   1.00 0.66 ? 11 DG  A C6     1 
ATOM   351 O O6     . DG  A 1 11 ? 5.477   10.540  8.921   1.00 0.66 ? 11 DG  A O6     1 
ATOM   352 N N1     . DG  A 1 11 ? 3.285   10.126  9.346   1.00 0.64 ? 11 DG  A N1     1 
ATOM   353 C C2     . DG  A 1 11 ? 1.936   10.391  9.224   1.00 0.66 ? 11 DG  A C2     1 
ATOM   354 N N2     . DG  A 1 11 ? 1.111   9.567   9.872   1.00 0.64 ? 11 DG  A N2     1 
ATOM   355 N N3     . DG  A 1 11 ? 1.442   11.406  8.508   1.00 0.70 ? 11 DG  A N3     1 
ATOM   356 C C4     . DG  A 1 11 ? 2.415   12.137  7.919   1.00 0.71 ? 11 DG  A C4     1 
ATOM   357 H "H5'"  . DG  A 1 11 ? 1.483   14.235  3.103   1.00 0.72 ? 11 DG  A "H5'"  1 
ATOM   358 H "H5''" . DG  A 1 11 ? 0.498   15.680  2.791   1.00 0.79 ? 11 DG  A "H5''" 1 
ATOM   359 H "H4'"  . DG  A 1 11 ? -0.836  14.638  4.356   1.00 0.84 ? 11 DG  A "H4'"  1 
ATOM   360 H "H3'"  . DG  A 1 11 ? 0.709   16.778  5.331   1.00 0.94 ? 11 DG  A "H3'"  1 
ATOM   361 H "HO3'" . DG  A 1 11 ? -1.614  15.435  6.272   1.00 0.87 ? 11 DG  A "HO3'" 1 
ATOM   362 H "H2'"  . DG  A 1 11 ? 2.021   15.702  6.846   1.00 0.89 ? 11 DG  A "H2'"  1 
ATOM   363 H "H2''" . DG  A 1 11 ? 0.539   15.647  7.842   1.00 0.96 ? 11 DG  A "H2''" 1 
ATOM   364 H "H1'"  . DG  A 1 11 ? 0.146   13.438  7.365   1.00 0.82 ? 11 DG  A "H1'"  1 
ATOM   365 H H8     . DG  A 1 11 ? 3.655   14.477  6.136   1.00 0.77 ? 11 DG  A H8     1 
ATOM   366 H H1     . DG  A 1 11 ? 3.577   9.338   9.907   1.00 0.62 ? 11 DG  A H1     1 
ATOM   367 H H21    . DG  A 1 11 ? 1.485   8.802   10.413  1.00 0.62 ? 11 DG  A H21    1 
ATOM   368 H H22    . DG  A 1 11 ? 0.112   9.710   9.821   1.00 0.67 ? 11 DG  A H22    1 
ATOM   369 O "O5'"  . DC  B 2 1  ? 5.237   3.141   14.593  1.00 0.66 ? 12 DC  B "O5'"  1 
ATOM   370 C "C5'"  . DC  B 2 1  ? 4.164   3.073   15.536  1.00 0.71 ? 12 DC  B "C5'"  1 
ATOM   371 C "C4'"  . DC  B 2 1  ? 2.945   3.854   15.055  1.00 0.64 ? 12 DC  B "C4'"  1 
ATOM   372 O "O4'"  . DC  B 2 1  ? 3.319   5.186   14.650  1.00 0.67 ? 12 DC  B "O4'"  1 
ATOM   373 C "C3'"  . DC  B 2 1  ? 2.305   3.163   13.859  1.00 0.50 ? 12 DC  B "C3'"  1 
ATOM   374 O "O3'"  . DC  B 2 1  ? 1.029   2.618   14.213  1.00 0.45 ? 12 DC  B "O3'"  1 
ATOM   375 C "C2'"  . DC  B 2 1  ? 2.169   4.223   12.795  1.00 0.47 ? 12 DC  B "C2'"  1 
ATOM   376 C "C1'"  . DC  B 2 1  ? 2.689   5.515   13.396  1.00 0.58 ? 12 DC  B "C1'"  1 
ATOM   377 N N1     . DC  B 2 1  ? 3.656   6.155   12.490  1.00 0.58 ? 12 DC  B N1     1 
ATOM   378 C C2     . DC  B 2 1  ? 3.229   7.248   11.754  1.00 0.58 ? 12 DC  B C2     1 
ATOM   379 O O2     . DC  B 2 1  ? 2.074   7.653   11.860  1.00 0.59 ? 12 DC  B O2     1 
ATOM   380 N N3     . DC  B 2 1  ? 4.120   7.846   10.917  1.00 0.58 ? 12 DC  B N3     1 
ATOM   381 C C4     . DC  B 2 1  ? 5.377   7.392   10.809  1.00 0.59 ? 12 DC  B C4     1 
ATOM   382 N N4     . DC  B 2 1  ? 6.226   8.001   9.980   1.00 0.59 ? 12 DC  B N4     1 
ATOM   383 C C5     . DC  B 2 1  ? 5.818   6.264   11.571  1.00 0.61 ? 12 DC  B C5     1 
ATOM   384 C C6     . DC  B 2 1  ? 4.926   5.681   12.394  1.00 0.61 ? 12 DC  B C6     1 
ATOM   385 H "H5'"  . DC  B 2 1  ? 4.499   3.488   16.486  1.00 0.80 ? 12 DC  B "H5'"  1 
ATOM   386 H "H5''" . DC  B 2 1  ? 3.884   2.030   15.681  1.00 0.73 ? 12 DC  B "H5''" 1 
ATOM   387 H "H4'"  . DC  B 2 1  ? 2.219   3.918   15.864  1.00 0.66 ? 12 DC  B "H4'"  1 
ATOM   388 H "H3'"  . DC  B 2 1  ? 2.963   2.370   13.499  1.00 0.50 ? 12 DC  B "H3'"  1 
ATOM   389 H "H2'"  . DC  B 2 1  ? 2.762   3.952   11.921  1.00 0.43 ? 12 DC  B "H2'"  1 
ATOM   390 H "H2''" . DC  B 2 1  ? 1.125   4.338   12.515  1.00 0.42 ? 12 DC  B "H2''" 1 
ATOM   391 H "H1'"  . DC  B 2 1  ? 1.857   6.195   13.573  1.00 0.60 ? 12 DC  B "H1'"  1 
ATOM   392 H H41    . DC  B 2 1  ? 5.921   8.799   9.441   1.00 0.59 ? 12 DC  B H41    1 
ATOM   393 H H42    . DC  B 2 1  ? 7.175   7.665   9.893   1.00 0.61 ? 12 DC  B H42    1 
ATOM   394 H H5     . DC  B 2 1  ? 6.838   5.890   11.487  1.00 0.64 ? 12 DC  B H5     1 
ATOM   395 H H6     . DC  B 2 1  ? 5.221   4.819   12.989  1.00 0.63 ? 12 DC  B H6     1 
ATOM   396 H "HO5'" . DC  B 2 1  ? 5.362   2.258   14.238  1.00 1.24 ? 12 DC  B "HO5'" 1 
ATOM   397 P P      . DT  B 2 2  ? 0.230   1.669   13.188  1.00 0.33 ? 13 DT  B P      1 
ATOM   398 O OP1    . DT  B 2 2  ? -0.754  0.878   13.961  1.00 1.51 ? 13 DT  B OP1    1 
ATOM   399 O OP2    . DT  B 2 2  ? 1.219   0.981   12.328  1.00 1.09 ? 13 DT  B OP2    1 
ATOM   400 O "O5'"  . DT  B 2 2  ? -0.573  2.731   12.286  1.00 0.29 ? 13 DT  B "O5'"  1 
ATOM   401 C "C5'"  . DT  B 2 2  ? -1.067  3.943   12.861  1.00 0.39 ? 13 DT  B "C5'"  1 
ATOM   402 C "C4'"  . DT  B 2 2  ? -1.429  4.962   11.788  1.00 0.40 ? 13 DT  B "C4'"  1 
ATOM   403 O "O4'"  . DT  B 2 2  ? -0.259  5.699   11.364  1.00 0.42 ? 13 DT  B "O4'"  1 
ATOM   404 C "C3'"  . DT  B 2 2  ? -2.004  4.264   10.562  1.00 0.32 ? 13 DT  B "C3'"  1 
ATOM   405 O "O3'"  . DT  B 2 2  ? -3.363  4.655   10.337  1.00 0.37 ? 13 DT  B "O3'"  1 
ATOM   406 C "C2'"  . DT  B 2 2  ? -1.122  4.684   9.414   1.00 0.29 ? 13 DT  B "C2'"  1 
ATOM   407 C "C1'"  . DT  B 2 2  ? -0.286  5.833   9.932   1.00 0.37 ? 13 DT  B "C1'"  1 
ATOM   408 N N1     . DT  B 2 2  ? 1.074   5.786   9.373   1.00 0.34 ? 13 DT  B N1     1 
ATOM   409 C C2     . DT  B 2 2  ? 1.423   6.756   8.454   1.00 0.35 ? 13 DT  B C2     1 
ATOM   410 O O2     . DT  B 2 2  ? 0.639   7.634   8.101   1.00 0.40 ? 13 DT  B O2     1 
ATOM   411 N N3     . DT  B 2 2  ? 2.707   6.680   7.952   1.00 0.33 ? 13 DT  B N3     1 
ATOM   412 C C4     . DT  B 2 2  ? 3.659   5.731   8.286   1.00 0.32 ? 13 DT  B C4     1 
ATOM   413 O O4     . DT  B 2 2  ? 4.776   5.762   7.775   1.00 0.32 ? 13 DT  B O4     1 
ATOM   414 C C5     . DT  B 2 2  ? 3.202   4.758   9.254   1.00 0.32 ? 13 DT  B C5     1 
ATOM   415 C C7     . DT  B 2 2  ? 4.147   3.654   9.718   1.00 0.35 ? 13 DT  B C7     1 
ATOM   416 C C6     . DT  B 2 2  ? 1.951   4.814   9.756   1.00 0.32 ? 13 DT  B C6     1 
ATOM   417 H "H5'"  . DT  B 2 2  ? -0.303  4.367   13.512  1.00 0.47 ? 13 DT  B "H5'"  1 
ATOM   418 H "H5''" . DT  B 2 2  ? -1.955  3.720   13.453  1.00 0.39 ? 13 DT  B "H5''" 1 
ATOM   419 H "H4'"  . DT  B 2 2  ? -2.166  5.659   12.185  1.00 0.46 ? 13 DT  B "H4'"  1 
ATOM   420 H "H3'"  . DT  B 2 2  ? -1.941  3.182   10.693  1.00 0.25 ? 13 DT  B "H3'"  1 
ATOM   421 H "H2'"  . DT  B 2 2  ? -0.478  3.858   9.111   1.00 0.23 ? 13 DT  B "H2'"  1 
ATOM   422 H "H2''" . DT  B 2 2  ? -1.730  5.014   8.576   1.00 0.31 ? 13 DT  B "H2''" 1 
ATOM   423 H "H1'"  . DT  B 2 2  ? -0.758  6.776   9.662   1.00 0.42 ? 13 DT  B "H1'"  1 
ATOM   424 H H3     . DT  B 2 2  ? 2.976   7.381   7.276   1.00 0.33 ? 13 DT  B H3     1 
ATOM   425 H H71    . DT  B 2 2  ? 4.315   3.747   10.792  1.00 0.87 ? 13 DT  B H71    1 
ATOM   426 H H72    . DT  B 2 2  ? 5.098   3.744   9.193   1.00 0.72 ? 13 DT  B H72    1 
ATOM   427 H H73    . DT  B 2 2  ? 3.704   2.681   9.504   1.00 1.07 ? 13 DT  B H73    1 
ATOM   428 H H6     . DT  B 2 2  ? 1.630   4.067   10.479  1.00 0.32 ? 13 DT  B H6     1 
ATOM   429 P P      . DT  B 2 3  ? -4.261  3.895   9.238   1.00 0.35 ? 14 DT  B P      1 
ATOM   430 O OP1    . DT  B 2 3  ? -5.664  3.890   9.707   1.00 1.31 ? 14 DT  B OP1    1 
ATOM   431 O OP2    . DT  B 2 3  ? -3.592  2.620   8.893   1.00 1.34 ? 14 DT  B OP2    1 
ATOM   432 O "O5'"  . DT  B 2 3  ? -4.159  4.877   7.967   1.00 0.37 ? 14 DT  B "O5'"  1 
ATOM   433 C "C5'"  . DT  B 2 3  ? -4.065  6.292   8.154   1.00 0.45 ? 14 DT  B "C5'"  1 
ATOM   434 C "C4'"  . DT  B 2 3  ? -3.780  7.014   6.843   1.00 0.44 ? 14 DT  B "C4'"  1 
ATOM   435 O "O4'"  . DT  B 2 3  ? -2.356  7.186   6.650   1.00 0.38 ? 14 DT  B "O4'"  1 
ATOM   436 C "C3'"  . DT  B 2 3  ? -4.322  6.218   5.663   1.00 0.43 ? 14 DT  B "C3'"  1 
ATOM   437 O "O3'"  . DT  B 2 3  ? -5.272  6.986   4.917   1.00 0.50 ? 14 DT  B "O3'"  1 
ATOM   438 C "C2'"  . DT  B 2 3  ? -3.121  5.882   4.820   1.00 0.36 ? 14 DT  B "C2'"  1 
ATOM   439 C "C1'"  . DT  B 2 3  ? -2.000  6.772   5.318   1.00 0.33 ? 14 DT  B "C1'"  1 
ATOM   440 N N1     . DT  B 2 3  ? -0.709  6.058   5.311   1.00 0.25 ? 14 DT  B N1     1 
ATOM   441 C C2     . DT  B 2 3  ? 0.302   6.585   4.534   1.00 0.23 ? 14 DT  B C2     1 
ATOM   442 O O2     . DT  B 2 3  ? 0.150   7.603   3.865   1.00 0.28 ? 14 DT  B O2     1 
ATOM   443 N N3     . DT  B 2 3  ? 1.501   5.898   4.550   1.00 0.16 ? 14 DT  B N3     1 
ATOM   444 C C4     . DT  B 2 3  ? 1.772   4.747   5.266   1.00 0.11 ? 14 DT  B C4     1 
ATOM   445 O O4     . DT  B 2 3  ? 2.880   4.221   5.204   1.00 0.07 ? 14 DT  B O4     1 
ATOM   446 C C5     . DT  B 2 3  ? 0.656   4.269   6.051   1.00 0.14 ? 14 DT  B C5     1 
ATOM   447 C C7     . DT  B 2 3  ? 0.814   3.006   6.894   1.00 0.09 ? 14 DT  B C7     1 
ATOM   448 C C6     . DT  B 2 3  ? -0.524  4.921   6.052   1.00 0.20 ? 14 DT  B C6     1 
ATOM   449 H "H5'"  . DT  B 2 3  ? -3.262  6.503   8.860   1.00 0.47 ? 14 DT  B "H5'"  1 
ATOM   450 H "H5''" . DT  B 2 3  ? -5.006  6.658   8.565   1.00 0.52 ? 14 DT  B "H5''" 1 
ATOM   451 H "H4'"  . DT  B 2 3  ? -4.258  7.994   6.862   1.00 0.50 ? 14 DT  B "H4'"  1 
ATOM   452 H "H3'"  . DT  B 2 3  ? -4.785  5.296   6.023   1.00 0.43 ? 14 DT  B "H3'"  1 
ATOM   453 H "H2'"  . DT  B 2 3  ? -2.854  4.834   4.950   1.00 0.33 ? 14 DT  B "H2'"  1 
ATOM   454 H "H2''" . DT  B 2 3  ? -3.329  6.091   3.771   1.00 0.37 ? 14 DT  B "H2''" 1 
ATOM   455 H "H1'"  . DT  B 2 3  ? -1.926  7.650   4.676   1.00 0.34 ? 14 DT  B "H1'"  1 
ATOM   456 H H3     . DT  B 2 3  ? 2.249   6.272   3.985   1.00 0.15 ? 14 DT  B H3     1 
ATOM   457 H H71    . DT  B 2 3  ? 1.615   3.151   7.619   1.00 0.72 ? 14 DT  B H71    1 
ATOM   458 H H72    . DT  B 2 3  ? 1.058   2.165   6.247   1.00 0.61 ? 14 DT  B H72    1 
ATOM   459 H H73    . DT  B 2 3  ? -0.118  2.802   7.420   1.00 0.74 ? 14 DT  B H73    1 
ATOM   460 H H6     . DT  B 2 3  ? -1.347  4.536   6.651   1.00 0.22 ? 14 DT  B H6     1 
ATOM   461 P P      . DC  B 2 4  ? -5.843  6.441   3.515   1.00 0.53 ? 15 DC  B P      1 
ATOM   462 O OP1    . DC  B 2 4  ? -7.138  7.104   3.250   1.00 1.11 ? 15 DC  B OP1    1 
ATOM   463 O OP2    . DC  B 2 4  ? -5.759  4.962   3.526   1.00 1.63 ? 15 DC  B OP2    1 
ATOM   464 O "O5'"  . DC  B 2 4  ? -4.766  6.999   2.458   1.00 0.49 ? 15 DC  B "O5'"  1 
ATOM   465 C "C5'"  . DC  B 2 4  ? -4.570  8.408   2.298   1.00 0.50 ? 15 DC  B "C5'"  1 
ATOM   466 C "C4'"  . DC  B 2 4  ? -3.588  8.709   1.172   1.00 0.46 ? 15 DC  B "C4'"  1 
ATOM   467 O "O4'"  . DC  B 2 4  ? -2.240  8.344   1.549   1.00 0.38 ? 15 DC  B "O4'"  1 
ATOM   468 C "C3'"  . DC  B 2 4  ? -3.953  7.925   -0.080  1.00 0.47 ? 15 DC  B "C3'"  1 
ATOM   469 O "O3'"  . DC  B 2 4  ? -4.268  8.809   -1.159  1.00 0.50 ? 15 DC  B "O3'"  1 
ATOM   470 C "C2'"  . DC  B 2 4  ? -2.742  7.082   -0.395  1.00 0.40 ? 15 DC  B "C2'"  1 
ATOM   471 C "C1'"  . DC  B 2 4  ? -1.620  7.620   0.469   1.00 0.34 ? 15 DC  B "C1'"  1 
ATOM   472 N N1     . DC  B 2 4  ? -0.783  6.523   0.985   1.00 0.28 ? 15 DC  B N1     1 
ATOM   473 C C2     . DC  B 2 4  ? 0.573   6.562   0.699   1.00 0.21 ? 15 DC  B C2     1 
ATOM   474 O O2     . DC  B 2 4  ? 1.041   7.483   0.033   1.00 0.21 ? 15 DC  B O2     1 
ATOM   475 N N3     . DC  B 2 4  ? 1.360   5.560   1.171   1.00 0.16 ? 15 DC  B N3     1 
ATOM   476 C C4     . DC  B 2 4  ? 0.841   4.561   1.895   1.00 0.17 ? 15 DC  B C4     1 
ATOM   477 N N4     . DC  B 2 4  ? 1.639   3.597   2.342   1.00 0.13 ? 15 DC  B N4     1 
ATOM   478 C C5     . DC  B 2 4  ? -0.555  4.515   2.193   1.00 0.24 ? 15 DC  B C5     1 
ATOM   479 C C6     . DC  B 2 4  ? -1.328  5.511   1.720   1.00 0.29 ? 15 DC  B C6     1 
ATOM   480 H "H5'"  . DC  B 2 4  ? -4.183  8.822   3.230   1.00 0.50 ? 15 DC  B "H5'"  1 
ATOM   481 H "H5''" . DC  B 2 4  ? -5.528  8.877   2.070   1.00 0.55 ? 15 DC  B "H5''" 1 
ATOM   482 H "H4'"  . DC  B 2 4  ? -3.617  9.774   0.947   1.00 0.48 ? 15 DC  B "H4'"  1 
ATOM   483 H "H3'"  . DC  B 2 4  ? -4.801  7.274   0.130   1.00 0.51 ? 15 DC  B "H3'"  1 
ATOM   484 H "H2'"  . DC  B 2 4  ? -2.937  6.038   -0.149  1.00 0.40 ? 15 DC  B "H2'"  1 
ATOM   485 H "H2''" . DC  B 2 4  ? -2.481  7.180   -1.448  1.00 0.41 ? 15 DC  B "H2''" 1 
ATOM   486 H "H1'"  . DC  B 2 4  ? -1.004  8.297   -0.119  1.00 0.32 ? 15 DC  B "H1'"  1 
ATOM   487 H H41    . DC  B 2 4  ? 2.628   3.623   2.136   1.00 0.09 ? 15 DC  B H41    1 
ATOM   488 H H42    . DC  B 2 4  ? 1.259   2.840   2.885   1.00 0.13 ? 15 DC  B H42    1 
ATOM   489 H H5     . DC  B 2 4  ? -0.979  3.700   2.778   1.00 0.24 ? 15 DC  B H5     1 
ATOM   490 H H6     . DC  B 2 4  ? -2.398  5.510   1.926   1.00 0.34 ? 15 DC  B H6     1 
ATOM   491 P P      . DT  B 2 5  ? -4.128  8.316   -2.681  1.00 0.52 ? 16 DT  B P      1 
ATOM   492 O OP1    . DT  B 2 5  ? -4.315  9.487   -3.567  1.00 1.64 ? 16 DT  B OP1    1 
ATOM   493 O OP2    . DT  B 2 5  ? -4.970  7.111   -2.857  1.00 1.10 ? 16 DT  B OP2    1 
ATOM   494 O "O5'"  . DT  B 2 5  ? -2.586  7.869   -2.753  1.00 0.46 ? 16 DT  B "O5'"  1 
ATOM   495 C "C5'"  . DT  B 2 5  ? -1.547  8.846   -2.849  1.00 0.40 ? 16 DT  B "C5'"  1 
ATOM   496 C "C4'"  . DT  B 2 5  ? -0.481  8.411   -3.844  1.00 0.36 ? 16 DT  B "C4'"  1 
ATOM   497 O "O4'"  . DT  B 2 5  ? 0.484   7.545   -3.205  1.00 0.29 ? 16 DT  B "O4'"  1 
ATOM   498 C "C3'"  . DT  B 2 5  ? -1.124  7.646   -4.987  1.00 0.42 ? 16 DT  B "C3'"  1 
ATOM   499 O "O3'"  . DT  B 2 5  ? -0.837  8.279   -6.240  1.00 0.45 ? 16 DT  B "O3'"  1 
ATOM   500 C "C2'"  . DT  B 2 5  ? -0.546  6.255   -4.926  1.00 0.39 ? 16 DT  B "C2'"  1 
ATOM   501 C "C1'"  . DT  B 2 5  ? 0.596   6.303   -3.928  1.00 0.30 ? 16 DT  B "C1'"  1 
ATOM   502 N N1     . DT  B 2 5  ? 0.541   5.157   -3.001  1.00 0.29 ? 16 DT  B N1     1 
ATOM   503 C C2     . DT  B 2 5  ? 1.735   4.539   -2.688  1.00 0.25 ? 16 DT  B C2     1 
ATOM   504 O O2     . DT  B 2 5  ? 2.806   4.913   -3.159  1.00 0.22 ? 16 DT  B O2     1 
ATOM   505 N N3     . DT  B 2 5  ? 1.657   3.474   -1.811  1.00 0.25 ? 16 DT  B N3     1 
ATOM   506 C C4     . DT  B 2 5  ? 0.505   2.980   -1.230  1.00 0.28 ? 16 DT  B C4     1 
ATOM   507 O O4     . DT  B 2 5  ? 0.557   2.020   -0.462  1.00 0.28 ? 16 DT  B O4     1 
ATOM   508 C C5     . DT  B 2 5  ? -0.697  3.688   -1.615  1.00 0.33 ? 16 DT  B C5     1 
ATOM   509 C C7     . DT  B 2 5  ? -2.041  3.249   -1.044  1.00 0.38 ? 16 DT  B C7     1 
ATOM   510 C C6     . DT  B 2 5  ? -0.645  4.733   -2.472  1.00 0.34 ? 16 DT  B C6     1 
ATOM   511 H "H5'"  . DT  B 2 5  ? -1.092  8.979   -1.868  1.00 0.37 ? 16 DT  B "H5'"  1 
ATOM   512 H "H5''" . DT  B 2 5  ? -1.976  9.793   -3.175  1.00 0.45 ? 16 DT  B "H5''" 1 
ATOM   513 H "H4'"  . DT  B 2 5  ? 0.029   9.289   -4.237  1.00 0.34 ? 16 DT  B "H4'"  1 
ATOM   514 H "H3'"  . DT  B 2 5  ? -2.204  7.598   -4.832  1.00 0.47 ? 16 DT  B "H3'"  1 
ATOM   515 H "H2'"  . DT  B 2 5  ? -1.307  5.555   -4.585  1.00 0.41 ? 16 DT  B "H2'"  1 
ATOM   516 H "H2''" . DT  B 2 5  ? -0.178  5.955   -5.902  1.00 0.42 ? 16 DT  B "H2''" 1 
ATOM   517 H "H1'"  . DT  B 2 5  ? 1.544   6.283   -4.466  1.00 0.28 ? 16 DT  B "H1'"  1 
ATOM   518 H H3     . DT  B 2 5  ? 2.523   3.013   -1.572  1.00 0.23 ? 16 DT  B H3     1 
ATOM   519 H H71    . DT  B 2 5  ? -2.531  4.101   -0.573  1.00 0.86 ? 16 DT  B H71    1 
ATOM   520 H H72    . DT  B 2 5  ? -1.882  2.466   -0.303  1.00 1.12 ? 16 DT  B H72    1 
ATOM   521 H H73    . DT  B 2 5  ? -2.669  2.866   -1.848  1.00 0.50 ? 16 DT  B H73    1 
ATOM   522 H H6     . DT  B 2 5  ? -1.565  5.248   -2.748  1.00 0.38 ? 16 DT  B H6     1 
ATOM   523 P P      . DT  B 2 6  ? -0.769  7.426   -7.602  1.00 0.47 ? 17 DT  B P      1 
ATOM   524 O OP1    . DT  B 2 6  ? -0.713  8.371   -8.741  1.00 1.28 ? 17 DT  B OP1    1 
ATOM   525 O OP2    . DT  B 2 6  ? -1.824  6.389   -7.554  1.00 1.46 ? 17 DT  B OP2    1 
ATOM   526 O "O5'"  . DT  B 2 6  ? 0.660   6.698   -7.485  1.00 0.45 ? 17 DT  B "O5'"  1 
ATOM   527 C "C5'"  . DT  B 2 6  ? 1.853   7.364   -7.908  1.00 0.40 ? 17 DT  B "C5'"  1 
ATOM   528 C "C4'"  . DT  B 2 6  ? 2.976   6.366   -8.157  1.00 0.40 ? 17 DT  B "C4'"  1 
ATOM   529 O "O4'"  . DT  B 2 6  ? 3.062   5.432   -7.056  1.00 0.38 ? 17 DT  B "O4'"  1 
ATOM   530 C "C3'"  . DT  B 2 6  ? 2.702   5.572   -9.426  1.00 0.46 ? 17 DT  B "C3'"  1 
ATOM   531 O "O3'"  . DT  B 2 6  ? 3.866   5.509   -10.255 1.00 0.47 ? 17 DT  B "O3'"  1 
ATOM   532 C "C2'"  . DT  B 2 6  ? 2.303   4.208   -8.944  1.00 0.47 ? 17 DT  B "C2'"  1 
ATOM   533 C "C1'"  . DT  B 2 6  ? 2.866   4.090   -7.542  1.00 0.42 ? 17 DT  B "C1'"  1 
ATOM   534 N N1     . DT  B 2 6  ? 1.942   3.352   -6.665  1.00 0.42 ? 17 DT  B N1     1 
ATOM   535 C C2     . DT  B 2 6  ? 2.490   2.430   -5.797  1.00 0.40 ? 17 DT  B C2     1 
ATOM   536 O O2     . DT  B 2 6  ? 3.700   2.218   -5.746  1.00 0.39 ? 17 DT  B O2     1 
ATOM   537 N N3     . DT  B 2 6  ? 1.597   1.758   -4.986  1.00 0.41 ? 17 DT  B N3     1 
ATOM   538 C C4     . DT  B 2 6  ? 0.222   1.929   -4.971  1.00 0.43 ? 17 DT  B C4     1 
ATOM   539 O O4     . DT  B 2 6  ? -0.485  1.276   -4.210  1.00 0.43 ? 17 DT  B O4     1 
ATOM   540 C C5     . DT  B 2 6  ? -0.257  2.913   -5.913  1.00 0.46 ? 17 DT  B C5     1 
ATOM   541 C C7     . DT  B 2 6  ? -1.753  3.197   -6.000  1.00 0.49 ? 17 DT  B C7     1 
ATOM   542 C C6     . DT  B 2 6  ? 0.594   3.581   -6.714  1.00 0.45 ? 17 DT  B C6     1 
ATOM   543 H "H5'"  . DT  B 2 6  ? 2.164   8.066   -7.136  1.00 0.37 ? 17 DT  B "H5'"  1 
ATOM   544 H "H5''" . DT  B 2 6  ? 1.651   7.911   -8.829  1.00 0.43 ? 17 DT  B "H5''" 1 
ATOM   545 H "H4'"  . DT  B 2 6  ? 3.920   6.896   -8.255  1.00 0.37 ? 17 DT  B "H4'"  1 
ATOM   546 H "H3'"  . DT  B 2 6  ? 1.873   6.028   -9.972  1.00 0.49 ? 17 DT  B "H3'"  1 
ATOM   547 H "H2'"  . DT  B 2 6  ? 1.218   4.122   -8.925  1.00 0.48 ? 17 DT  B "H2'"  1 
ATOM   548 H "H2''" . DT  B 2 6  ? 2.728   3.440   -9.587  1.00 0.49 ? 17 DT  B "H2''" 1 
ATOM   549 H "H1'"  . DT  B 2 6  ? 3.824   3.571   -7.578  1.00 0.41 ? 17 DT  B "H1'"  1 
ATOM   550 H H3     . DT  B 2 6  ? 1.984   1.079   -4.346  1.00 0.39 ? 17 DT  B H3     1 
ATOM   551 H H71    . DT  B 2 6  ? -1.919  4.088   -6.605  1.00 0.39 ? 17 DT  B H71    1 
ATOM   552 H H72    . DT  B 2 6  ? -2.151  3.359   -4.998  1.00 0.74 ? 17 DT  B H72    1 
ATOM   553 H H73    . DT  B 2 6  ? -2.258  2.347   -6.458  1.00 0.63 ? 17 DT  B H73    1 
ATOM   554 H H6     . DT  B 2 6  ? 0.205   4.320   -7.412  1.00 0.47 ? 17 DT  B H6     1 
ATOM   555 P P      . DG  B 2 7  ? 4.123   4.233   -11.203 1.00 0.47 ? 18 DG  B P      1 
ATOM   556 O OP1    . DG  B 2 7  ? 5.297   4.518   -12.056 1.00 1.06 ? 18 DG  B OP1    1 
ATOM   557 O OP2    . DG  B 2 7  ? 2.834   3.853   -11.822 1.00 1.61 ? 18 DG  B OP2    1 
ATOM   558 O "O5'"  . DG  B 2 7  ? 4.530   3.091   -10.146 1.00 0.48 ? 18 DG  B "O5'"  1 
ATOM   559 C "C5'"  . DG  B 2 7  ? 5.904   2.840   -9.843  1.00 0.47 ? 18 DG  B "C5'"  1 
ATOM   560 C "C4'"  . DG  B 2 7  ? 6.149   1.361   -9.567  1.00 0.47 ? 18 DG  B "C4'"  1 
ATOM   561 O "O4'"  . DG  B 2 7  ? 5.372   0.922   -8.423  1.00 0.45 ? 18 DG  B "O4'"  1 
ATOM   562 C "C3'"  . DG  B 2 7  ? 5.726   0.515   -10.766 1.00 0.50 ? 18 DG  B "C3'"  1 
ATOM   563 O "O3'"  . DG  B 2 7  ? 6.764   -0.397  -11.143 1.00 0.51 ? 18 DG  B "O3'"  1 
ATOM   564 C "C2'"  . DG  B 2 7  ? 4.504   -0.219  -10.293 1.00 0.51 ? 18 DG  B "C2'"  1 
ATOM   565 C "C1'"  . DG  B 2 7  ? 4.638   -0.260  -8.787  1.00 0.48 ? 18 DG  B "C1'"  1 
ATOM   566 N N9     . DG  B 2 7  ? 3.319   -0.285  -8.126  1.00 0.48 ? 18 DG  B N9     1 
ATOM   567 C C8     . DG  B 2 7  ? 2.218   0.467   -8.364  1.00 0.48 ? 18 DG  B C8     1 
ATOM   568 N N7     . DG  B 2 7  ? 1.175   0.252   -7.629  1.00 0.48 ? 18 DG  B N7     1 
ATOM   569 C C5     . DG  B 2 7  ? 1.625   -0.772  -6.788  1.00 0.48 ? 18 DG  B C5     1 
ATOM   570 C C6     . DG  B 2 7  ? 0.948   -1.459  -5.742  1.00 0.47 ? 18 DG  B C6     1 
ATOM   571 O O6     . DG  B 2 7  ? -0.205  -1.300  -5.340  1.00 0.47 ? 18 DG  B O6     1 
ATOM   572 N N1     . DG  B 2 7  ? 1.767   -2.416  -5.152  1.00 0.47 ? 18 DG  B N1     1 
ATOM   573 C C2     . DG  B 2 7  ? 3.072   -2.682  -5.517  1.00 0.47 ? 18 DG  B C2     1 
ATOM   574 N N2     . DG  B 2 7  ? 3.695   -3.639  -4.830  1.00 0.47 ? 18 DG  B N2     1 
ATOM   575 N N3     . DG  B 2 7  ? 3.713   -2.041  -6.497  1.00 0.48 ? 18 DG  B N3     1 
ATOM   576 C C4     . DG  B 2 7  ? 2.939   -1.105  -7.088  1.00 0.48 ? 18 DG  B C4     1 
ATOM   577 H "H5'"  . DG  B 2 7  ? 6.186   3.418   -8.963  1.00 0.46 ? 18 DG  B "H5'"  1 
ATOM   578 H "H5''" . DG  B 2 7  ? 6.520   3.153   -10.687 1.00 0.49 ? 18 DG  B "H5''" 1 
ATOM   579 H "H4'"  . DG  B 2 7  ? 7.208   1.200   -9.364  1.00 0.46 ? 18 DG  B "H4'"  1 
ATOM   580 H "H3'"  . DG  B 2 7  ? 5.467   1.166   -11.605 1.00 0.51 ? 18 DG  B "H3'"  1 
ATOM   581 H "H2'"  . DG  B 2 7  ? 3.603   0.323   -10.579 1.00 0.52 ? 18 DG  B "H2'"  1 
ATOM   582 H "H2''" . DG  B 2 7  ? 4.486   -1.227  -10.702 1.00 0.54 ? 18 DG  B "H2''" 1 
ATOM   583 H "H1'"  . DG  B 2 7  ? 5.206   -1.145  -8.497  1.00 0.49 ? 18 DG  B "H1'"  1 
ATOM   584 H H8     . DG  B 2 7  ? 2.212   1.225   -9.146  1.00 0.49 ? 18 DG  B H8     1 
ATOM   585 H H1     . DG  B 2 7  ? 1.355   -2.951  -4.401  1.00 0.47 ? 18 DG  B H1     1 
ATOM   586 H H21    . DG  B 2 7  ? 3.210   -4.125  -4.088  1.00 0.47 ? 18 DG  B H21    1 
ATOM   587 H H22    . DG  B 2 7  ? 4.650   -3.879  -5.051  1.00 0.48 ? 18 DG  B H22    1 
ATOM   588 P P      . DT  B 2 8  ? 6.482   -1.556  -12.225 1.00 0.51 ? 19 DT  B P      1 
ATOM   589 O OP1    . DT  B 2 8  ? 7.588   -1.549  -13.209 1.00 1.80 ? 19 DT  B OP1    1 
ATOM   590 O OP2    . DT  B 2 8  ? 5.083   -1.427  -12.689 1.00 0.78 ? 19 DT  B OP2    1 
ATOM   591 O "O5'"  . DT  B 2 8  ? 6.599   -2.900  -11.345 1.00 0.50 ? 19 DT  B "O5'"  1 
ATOM   592 C "C5'"  . DT  B 2 8  ? 7.171   -2.874  -10.033 1.00 0.49 ? 19 DT  B "C5'"  1 
ATOM   593 C "C4'"  . DT  B 2 8  ? 6.923   -4.187  -9.295  1.00 0.52 ? 19 DT  B "C4'"  1 
ATOM   594 O "O4'"  . DT  B 2 8  ? 5.801   -4.059  -8.386  1.00 0.54 ? 19 DT  B "O4'"  1 
ATOM   595 C "C3'"  . DT  B 2 8  ? 6.600   -5.298  -10.287 1.00 0.45 ? 19 DT  B "C3'"  1 
ATOM   596 O "O3'"  . DT  B 2 8  ? 7.441   -6.436  -10.077 1.00 0.55 ? 19 DT  B "O3'"  1 
ATOM   597 C "C2'"  . DT  B 2 8  ? 5.157   -5.639  -10.037 1.00 0.41 ? 19 DT  B "C2'"  1 
ATOM   598 C "C1'"  . DT  B 2 8  ? 4.839   -5.099  -8.656  1.00 0.48 ? 19 DT  B "C1'"  1 
ATOM   599 N N1     . DT  B 2 8  ? 3.465   -4.568  -8.604  1.00 0.42 ? 19 DT  B N1     1 
ATOM   600 C C2     . DT  B 2 8  ? 2.590   -5.139  -7.701  1.00 0.41 ? 19 DT  B C2     1 
ATOM   601 O O2     . DT  B 2 8  ? 2.923   -6.059  -6.957  1.00 0.44 ? 19 DT  B O2     1 
ATOM   602 N N3     . DT  B 2 8  ? 1.312   -4.612  -7.680  1.00 0.39 ? 19 DT  B N3     1 
ATOM   603 C C4     . DT  B 2 8  ? 0.842   -3.580  -8.472  1.00 0.37 ? 19 DT  B C4     1 
ATOM   604 O O4     . DT  B 2 8  ? -0.318  -3.189  -8.368  1.00 0.37 ? 19 DT  B O4     1 
ATOM   605 C C5     . DT  B 2 8  ? 1.828   -3.046  -9.385  1.00 0.37 ? 19 DT  B C5     1 
ATOM   606 C C7     . DT  B 2 8  ? 1.445   -1.902  -10.317 1.00 0.35 ? 19 DT  B C7     1 
ATOM   607 C C6     . DT  B 2 8  ? 3.080   -3.543  -9.424  1.00 0.39 ? 19 DT  B C6     1 
ATOM   608 H "H5'"  . DT  B 2 8  ? 6.726   -2.056  -9.466  1.00 0.50 ? 19 DT  B "H5'"  1 
ATOM   609 H "H5''" . DT  B 2 8  ? 8.245   -2.709  -10.116 1.00 0.49 ? 19 DT  B "H5''" 1 
ATOM   610 H "H4'"  . DT  B 2 8  ? 7.813   -4.458  -8.729  1.00 0.61 ? 19 DT  B "H4'"  1 
ATOM   611 H "H3'"  . DT  B 2 8  ? 6.718   -4.926  -11.306 1.00 0.38 ? 19 DT  B "H3'"  1 
ATOM   612 H "H2'"  . DT  B 2 8  ? 4.527   -5.156  -10.780 1.00 0.32 ? 19 DT  B "H2'"  1 
ATOM   613 H "H2''" . DT  B 2 8  ? 5.013   -6.719  -10.064 1.00 0.43 ? 19 DT  B "H2''" 1 
ATOM   614 H "H1'"  . DT  B 2 8  ? 4.947   -5.896  -7.921  1.00 0.54 ? 19 DT  B "H1'"  1 
ATOM   615 H H3     . DT  B 2 8  ? 0.659   -5.021  -7.023  1.00 0.39 ? 19 DT  B H3     1 
ATOM   616 H H71    . DT  B 2 8  ? 2.346   -1.394  -10.658 1.00 1.10 ? 19 DT  B H71    1 
ATOM   617 H H72    . DT  B 2 8  ? 0.810   -1.196  -9.782  1.00 1.13 ? 19 DT  B H72    1 
ATOM   618 H H73    . DT  B 2 8  ? 0.904   -2.299  -11.175 1.00 0.75 ? 19 DT  B H73    1 
ATOM   619 H H6     . DT  B 2 8  ? 3.801   -3.121  -10.122 1.00 0.40 ? 19 DT  B H6     1 
ATOM   620 P P      . DC  B 2 9  ? 7.362   -7.704  -11.066 1.00 0.56 ? 20 DC  B P      1 
ATOM   621 O OP1    . DC  B 2 9  ? 8.695   -8.348  -11.105 1.00 1.27 ? 20 DC  B OP1    1 
ATOM   622 O OP2    . DC  B 2 9  ? 6.715   -7.269  -12.323 1.00 1.51 ? 20 DC  B OP2    1 
ATOM   623 O "O5'"  . DC  B 2 9  ? 6.349   -8.689  -10.292 1.00 0.60 ? 20 DC  B "O5'"  1 
ATOM   624 C "C5'"  . DC  B 2 9  ? 6.658   -9.154  -8.978  1.00 0.67 ? 20 DC  B "C5'"  1 
ATOM   625 C "C4'"  . DC  B 2 9  ? 5.584   -10.094 -8.443  1.00 0.61 ? 20 DC  B "C4'"  1 
ATOM   626 O "O4'"  . DC  B 2 9  ? 4.419   -9.349  -8.018  1.00 0.49 ? 20 DC  B "O4'"  1 
ATOM   627 C "C3'"  . DC  B 2 9  ? 5.145   -11.085 -9.513  1.00 0.59 ? 20 DC  B "C3'"  1 
ATOM   628 O "O3'"  . DC  B 2 9  ? 5.450   -12.430 -9.129  1.00 0.70 ? 20 DC  B "O3'"  1 
ATOM   629 C "C2'"  . DC  B 2 9  ? 3.657   -10.892 -9.660  1.00 0.44 ? 20 DC  B "C2'"  1 
ATOM   630 C "C1'"  . DC  B 2 9  ? 3.228   -9.983  -8.525  1.00 0.36 ? 20 DC  B "C1'"  1 
ATOM   631 N N1     . DC  B 2 9  ? 2.251   -8.983  -8.994  1.00 0.23 ? 20 DC  B N1     1 
ATOM   632 C C2     . DC  B 2 9  ? 1.053   -8.891  -8.303  1.00 0.20 ? 20 DC  B C2     1 
ATOM   633 O O2     . DC  B 2 9  ? 0.841   -9.626  -7.343  1.00 0.27 ? 20 DC  B O2     1 
ATOM   634 N N3     . DC  B 2 9  ? 0.136   -7.976  -8.717  1.00 0.10 ? 20 DC  B N3     1 
ATOM   635 C C4     . DC  B 2 9  ? 0.381   -7.180  -9.765  1.00 0.05 ? 20 DC  B C4     1 
ATOM   636 N N4     . DC  B 2 9  ? -0.540  -6.293  -10.144 1.00 0.14 ? 20 DC  B N4     1 
ATOM   637 C C5     . DC  B 2 9  ? 1.614   -7.271  -10.483 1.00 0.04 ? 20 DC  B C5     1 
ATOM   638 C C6     . DC  B 2 9  ? 2.518   -8.181  -10.066 1.00 0.16 ? 20 DC  B C6     1 
ATOM   639 H "H5'"  . DC  B 2 9  ? 6.742   -8.298  -8.310  1.00 0.70 ? 20 DC  B "H5'"  1 
ATOM   640 H "H5''" . DC  B 2 9  ? 7.613   -9.681  -9.003  1.00 0.76 ? 20 DC  B "H5''" 1 
ATOM   641 H "H4'"  . DC  B 2 9  ? 5.983   -10.643 -7.592  1.00 0.68 ? 20 DC  B "H4'"  1 
ATOM   642 H "H3'"  . DC  B 2 9  ? 5.639   -10.846 -10.458 1.00 0.63 ? 20 DC  B "H3'"  1 
ATOM   643 H "H2'"  . DC  B 2 9  ? 3.434   -10.421 -10.620 1.00 0.42 ? 20 DC  B "H2'"  1 
ATOM   644 H "H2''" . DC  B 2 9  ? 3.144   -11.854 -9.581  1.00 0.43 ? 20 DC  B "H2''" 1 
ATOM   645 H "H1'"  . DC  B 2 9  ? 2.778   -10.581 -7.733  1.00 0.35 ? 20 DC  B "H1'"  1 
ATOM   646 H H41    . DC  B 2 9  ? -1.412  -6.223  -9.642  1.00 0.19 ? 20 DC  B H41    1 
ATOM   647 H H42    . DC  B 2 9  ? -0.364  -5.689  -10.934 1.00 0.19 ? 20 DC  B H42    1 
ATOM   648 H H5     . DC  B 2 9  ? 1.813   -6.629  -11.341 1.00 0.06 ? 20 DC  B H5     1 
ATOM   649 H H6     . DC  B 2 9  ? 3.469   -8.279  -10.590 1.00 0.21 ? 20 DC  B H6     1 
ATOM   650 P P      . DC  B 2 10 ? 4.466   -13.639 -9.533  1.00 0.75 ? 21 DC  B P      1 
ATOM   651 O OP1    . DC  B 2 10 ? 5.078   -14.907 -9.076  1.00 1.86 ? 21 DC  B OP1    1 
ATOM   652 O OP2    . DC  B 2 10 ? 4.086   -13.473 -10.955 1.00 1.02 ? 21 DC  B OP2    1 
ATOM   653 O "O5'"  . DC  B 2 10 ? 3.165   -13.350 -8.630  1.00 0.71 ? 21 DC  B "O5'"  1 
ATOM   654 C "C5'"  . DC  B 2 10 ? 2.794   -14.250 -7.582  1.00 0.72 ? 21 DC  B "C5'"  1 
ATOM   655 C "C4'"  . DC  B 2 10 ? 1.320   -14.633 -7.667  1.00 0.68 ? 21 DC  B "C4'"  1 
ATOM   656 O "O4'"  . DC  B 2 10 ? 0.497   -13.460 -7.873  1.00 0.53 ? 21 DC  B "O4'"  1 
ATOM   657 C "C3'"  . DC  B 2 10 ? 1.077   -15.589 -8.830  1.00 0.76 ? 21 DC  B "C3'"  1 
ATOM   658 O "O3'"  . DC  B 2 10 ? 0.492   -16.811 -8.371  1.00 0.84 ? 21 DC  B "O3'"  1 
ATOM   659 C "C2'"  . DC  B 2 10 ? 0.134   -14.856 -9.756  1.00 0.66 ? 21 DC  B "C2'"  1 
ATOM   660 C "C1'"  . DC  B 2 10 ? -0.438  -13.715 -8.937  1.00 0.52 ? 21 DC  B "C1'"  1 
ATOM   661 N N1     . DC  B 2 10 ? -0.653  -12.502 -9.756  1.00 0.42 ? 21 DC  B N1     1 
ATOM   662 C C2     . DC  B 2 10 ? -1.805  -11.776 -9.508  1.00 0.31 ? 21 DC  B C2     1 
ATOM   663 O O2     . DC  B 2 10 ? -2.590  -12.151 -8.641  1.00 0.28 ? 21 DC  B O2     1 
ATOM   664 N N3     . DC  B 2 10 ? -2.034  -10.652 -10.240 1.00 0.28 ? 21 DC  B N3     1 
ATOM   665 C C4     . DC  B 2 10 ? -1.168  -10.255 -11.180 1.00 0.34 ? 21 DC  B C4     1 
ATOM   666 N N4     . DC  B 2 10 ? -1.425  -9.148  -11.881 1.00 0.36 ? 21 DC  B N4     1 
ATOM   667 C C5     . DC  B 2 10 ? 0.023   -11.000 -11.443 1.00 0.41 ? 21 DC  B C5     1 
ATOM   668 C C6     . DC  B 2 10 ? 0.242   -12.112 -10.713 1.00 0.46 ? 21 DC  B C6     1 
ATOM   669 H "H5'"  . DC  B 2 10 ? 2.982   -13.772 -6.620  1.00 0.71 ? 21 DC  B "H5'"  1 
ATOM   670 H "H5''" . DC  B 2 10 ? 3.401   -15.152 -7.657  1.00 0.78 ? 21 DC  B "H5''" 1 
ATOM   671 H "H4'"  . DC  B 2 10 ? 1.023   -15.117 -6.738  1.00 0.73 ? 21 DC  B "H4'"  1 
ATOM   672 H "H3'"  . DC  B 2 10 ? 2.021   -15.795 -9.341  1.00 0.83 ? 21 DC  B "H3'"  1 
ATOM   673 H "H2'"  . DC  B 2 10 ? 0.673   -14.466 -10.621 1.00 0.68 ? 21 DC  B "H2'"  1 
ATOM   674 H "H2''" . DC  B 2 10 ? -0.666  -15.522 -10.080 1.00 0.70 ? 21 DC  B "H2''" 1 
ATOM   675 H "H1'"  . DC  B 2 10 ? -1.390  -14.027 -8.508  1.00 0.49 ? 21 DC  B "H1'"  1 
ATOM   676 H H41    . DC  B 2 10 ? -2.266  -8.618  -11.700 1.00 0.36 ? 21 DC  B H41    1 
ATOM   677 H H42    . DC  B 2 10 ? -0.779  -8.841  -12.593 1.00 0.41 ? 21 DC  B H42    1 
ATOM   678 H H5     . DC  B 2 10 ? 0.731   -10.680 -12.209 1.00 0.45 ? 21 DC  B H5     1 
ATOM   679 H H6     . DC  B 2 10 ? 1.141   -12.700 -10.887 1.00 0.54 ? 21 DC  B H6     1 
ATOM   680 P P      . DG  B 2 11 ? 0.187   -18.009 -9.401  1.00 1.01 ? 22 DG  B P      1 
ATOM   681 O OP1    . DG  B 2 11 ? 0.504   -19.290 -8.730  1.00 1.16 ? 22 DG  B OP1    1 
ATOM   682 O OP2    . DG  B 2 11 ? 0.819   -17.679 -10.697 1.00 2.11 ? 22 DG  B OP2    1 
ATOM   683 O "O5'"  . DG  B 2 11 ? -1.410  -17.916 -9.581  1.00 0.94 ? 22 DG  B "O5'"  1 
ATOM   684 C "C5'"  . DG  B 2 11 ? -2.241  -17.529 -8.484  1.00 0.83 ? 22 DG  B "C5'"  1 
ATOM   685 C "C4'"  . DG  B 2 11 ? -3.664  -17.213 -8.942  1.00 0.79 ? 22 DG  B "C4'"  1 
ATOM   686 O "O4'"  . DG  B 2 11 ? -3.784  -15.817 -9.320  1.00 0.68 ? 22 DG  B "O4'"  1 
ATOM   687 C "C3'"  . DG  B 2 11 ? -4.051  -18.056 -10.161 1.00 0.95 ? 22 DG  B "C3'"  1 
ATOM   688 O "O3'"  . DG  B 2 11 ? -5.276  -18.758 -9.930  1.00 0.99 ? 22 DG  B "O3'"  1 
ATOM   689 C "C2'"  . DG  B 2 11 ? -4.207  -17.056 -11.278 1.00 0.95 ? 22 DG  B "C2'"  1 
ATOM   690 C "C1'"  . DG  B 2 11 ? -4.467  -15.738 -10.583 1.00 0.78 ? 22 DG  B "C1'"  1 
ATOM   691 N N9     . DG  B 2 11 ? -3.972  -14.605 -11.387 1.00 0.77 ? 22 DG  B N9     1 
ATOM   692 C C8     . DG  B 2 11 ? -2.767  -14.429 -11.979 1.00 0.79 ? 22 DG  B C8     1 
ATOM   693 N N7     . DG  B 2 11 ? -2.576  -13.332 -12.634 1.00 0.78 ? 22 DG  B N7     1 
ATOM   694 C C5     . DG  B 2 11 ? -3.803  -12.683 -12.466 1.00 0.76 ? 22 DG  B C5     1 
ATOM   695 C C6     . DG  B 2 11 ? -4.238  -11.421 -12.950 1.00 0.79 ? 22 DG  B C6     1 
ATOM   696 O O6     . DG  B 2 11 ? -3.615  -10.608 -13.631 1.00 0.82 ? 22 DG  B O6     1 
ATOM   697 N N1     . DG  B 2 11 ? -5.541  -11.145 -12.554 1.00 0.80 ? 22 DG  B N1     1 
ATOM   698 C C2     . DG  B 2 11 ? -6.333  -11.978 -11.789 1.00 0.77 ? 22 DG  B C2     1 
ATOM   699 N N2     . DG  B 2 11 ? -7.561  -11.535 -11.512 1.00 0.79 ? 22 DG  B N2     1 
ATOM   700 N N3     . DG  B 2 11 ? -5.932  -13.167 -11.330 1.00 0.74 ? 22 DG  B N3     1 
ATOM   701 C C4     . DG  B 2 11 ? -4.664  -13.458 -11.703 1.00 0.75 ? 22 DG  B C4     1 
ATOM   702 H "H5'"  . DG  B 2 11 ? -1.813  -16.642 -8.005  1.00 0.71 ? 22 DG  B "H5'"  1 
ATOM   703 H "H5''" . DG  B 2 11 ? -2.274  -18.342 -7.759  1.00 0.93 ? 22 DG  B "H5''" 1 
ATOM   704 H "H4'"  . DG  B 2 11 ? -4.357  -17.422 -8.127  1.00 0.75 ? 22 DG  B "H4'"  1 
ATOM   705 H "H3'"  . DG  B 2 11 ? -3.250  -18.763 -10.401 1.00 1.05 ? 22 DG  B "H3'"  1 
ATOM   706 H "HO3'" . DG  B 2 11 ? -5.977  -18.102 -9.886  1.00 1.03 ? 22 DG  B "HO3'" 1 
ATOM   707 H "H2'"  . DG  B 2 11 ? -3.291  -16.995 -11.869 1.00 0.99 ? 22 DG  B "H2'"  1 
ATOM   708 H "H2''" . DG  B 2 11 ? -5.053  -17.323 -11.912 1.00 1.03 ? 22 DG  B "H2''" 1 
ATOM   709 H "H1'"  . DG  B 2 11 ? -5.538  -15.623 -10.412 1.00 0.78 ? 22 DG  B "H1'"  1 
ATOM   710 H H8     . DG  B 2 11 ? -1.988  -15.187 -11.906 1.00 0.82 ? 22 DG  B H8     1 
ATOM   711 H H1     . DG  B 2 11 ? -5.919  -10.260 -12.861 1.00 0.84 ? 22 DG  B H1     1 
ATOM   712 H H21    . DG  B 2 11 ? -7.863  -10.636 -11.859 1.00 0.84 ? 22 DG  B H21    1 
ATOM   713 H H22    . DG  B 2 11 ? -8.188  -12.099 -10.956 1.00 0.77 ? 22 DG  B H22    1 
# 
